data_6SKB
#
_entry.id   6SKB
#
_cell.length_a   58.360
_cell.length_b   46.110
_cell.length_c   119.560
_cell.angle_alpha   90.000
_cell.angle_beta   91.030
_cell.angle_gamma   90.000
#
_symmetry.space_group_name_H-M   'P 1 21 1'
#
loop_
_entity.id
_entity.type
_entity.pdbx_description
1 polymer Kallikrein-6
2 non-polymer 4-[(3~{S})-1-oxidanyl-3,4-dihydro-2,1-benzoxaborinin-3-yl]-2-(pyridin-3-ylmethoxy)benzenecarboximidamide
3 non-polymer 4-[(3~{R})-1-oxidanyl-3,4-dihydro-2,1-benzoxaborinin-3-yl]-2-(pyridin-3-ylmethoxy)benzenecarboximidamide
4 non-polymer GLYCEROL
5 water water
#
_entity_poly.entity_id   1
_entity_poly.type   'polypeptide(L)'
_entity_poly.pdbx_seq_one_letter_code
;MPMLSAIVLYVLLAAAAHSAFAAMVHHHHHHSAGLVPRGSGKETAAAKFERQHMDSASGGGDDDDKLVHGGPCDKTSHPY
QAALYTSGHLLCGGVLIHPLWVLTAAHCKKPNLQVFLGKHNLGQQESSQEQSSVVRAVIHPDYDAASHDQDIMLLRLARP
AKLSELIQPLPLERDCSAQTTSCHILGWGKTADGDFPDTIQCAYIHLVSREECEHAYPGQITQNMLCAGDEKYGKDSCQG
DSGGPLVCGDHLRGLVSWGDYPCGSKERPGVYTNVCRYTNWIQKTIQAK
;
_entity_poly.pdbx_strand_id   A,B,C
#
loop_
_chem_comp.id
_chem_comp.type
_chem_comp.name
_chem_comp.formula
GOL non-polymer GLYCEROL 'C3 H8 O3'
LH5 non-polymer 4-[(3~{S})-1-oxidanyl-3,4-dihydro-2,1-benzoxaborinin-3-yl]-2-(pyridin-3-ylmethoxy)benzenecarboximidamide 'C21 H20 B N3 O3'
RH5 non-polymer 4-[(3~{R})-1-oxidanyl-3,4-dihydro-2,1-benzoxaborinin-3-yl]-2-(pyridin-3-ylmethoxy)benzenecarboximidamide 'C21 H20 B N3 O3'
#
# COMPACT_ATOMS: atom_id res chain seq x y z
N LEU A 67 -1.17 -9.27 1.29
CA LEU A 67 -0.05 -10.18 1.51
C LEU A 67 0.56 -9.83 2.87
N VAL A 68 0.69 -10.83 3.77
CA VAL A 68 1.20 -10.64 5.13
C VAL A 68 2.63 -11.11 5.26
N HIS A 69 3.41 -10.33 6.04
CA HIS A 69 4.84 -10.55 6.37
C HIS A 69 5.76 -10.48 5.14
N GLY A 70 5.31 -9.75 4.12
CA GLY A 70 6.10 -9.51 2.92
C GLY A 70 6.75 -8.13 3.01
N GLY A 71 6.87 -7.48 1.88
CA GLY A 71 7.44 -6.15 1.74
C GLY A 71 7.12 -5.56 0.37
N PRO A 72 7.48 -4.29 0.11
CA PRO A 72 7.19 -3.70 -1.20
C PRO A 72 7.91 -4.37 -2.37
N CYS A 73 7.22 -4.47 -3.53
CA CYS A 73 7.82 -5.01 -4.74
C CYS A 73 8.68 -3.91 -5.33
N ASP A 74 9.55 -4.25 -6.29
CA ASP A 74 10.25 -3.26 -7.09
C ASP A 74 9.22 -2.84 -8.20
N LYS A 75 9.38 -1.66 -8.81
CA LYS A 75 8.43 -1.14 -9.80
C LYS A 75 8.36 -1.88 -11.14
N THR A 76 9.41 -2.62 -11.50
CA THR A 76 9.56 -3.28 -12.82
C THR A 76 9.42 -4.82 -12.83
N SER A 77 9.19 -5.42 -11.67
CA SER A 77 9.14 -6.86 -11.49
C SER A 77 7.75 -7.51 -11.72
N HIS A 78 6.69 -6.70 -11.83
CA HIS A 78 5.32 -7.23 -11.91
C HIS A 78 4.49 -6.69 -13.09
N PRO A 79 4.97 -6.72 -14.35
CA PRO A 79 4.17 -6.15 -15.45
C PRO A 79 2.88 -6.91 -15.83
N TYR A 80 2.75 -8.16 -15.35
CA TYR A 80 1.60 -9.04 -15.57
C TYR A 80 0.49 -8.85 -14.51
N GLN A 81 0.77 -8.11 -13.43
CA GLN A 81 -0.20 -7.91 -12.36
C GLN A 81 -1.39 -7.01 -12.73
N ALA A 82 -2.62 -7.49 -12.45
CA ALA A 82 -3.85 -6.75 -12.62
C ALA A 82 -4.50 -6.51 -11.26
N ALA A 83 -5.17 -5.36 -11.13
CA ALA A 83 -5.98 -5.01 -9.96
C ALA A 83 -7.45 -5.04 -10.41
N LEU A 84 -8.30 -5.75 -9.68
CA LEU A 84 -9.73 -5.86 -9.96
C LEU A 84 -10.54 -5.05 -8.95
N TYR A 85 -11.37 -4.11 -9.44
CA TYR A 85 -12.23 -3.22 -8.62
C TYR A 85 -13.70 -3.50 -8.90
N THR A 86 -14.52 -3.30 -7.86
CA THR A 86 -15.97 -3.37 -7.84
C THR A 86 -16.40 -2.41 -6.74
N SER A 87 -17.41 -1.56 -7.01
CA SER A 87 -17.94 -0.55 -6.05
C SER A 87 -16.86 0.41 -5.52
N GLY A 88 -15.85 0.68 -6.33
CA GLY A 88 -14.75 1.56 -5.95
C GLY A 88 -13.70 1.02 -5.01
N HIS A 89 -13.78 -0.28 -4.63
CA HIS A 89 -12.74 -0.83 -3.75
C HIS A 89 -12.02 -1.99 -4.41
N LEU A 90 -10.74 -2.22 -4.02
CA LEU A 90 -9.98 -3.33 -4.55
C LEU A 90 -10.62 -4.64 -4.06
N LEU A 91 -10.86 -5.57 -5.01
CA LEU A 91 -11.49 -6.82 -4.68
C LEU A 91 -10.51 -8.01 -4.83
N CYS A 92 -9.76 -8.02 -5.93
CA CYS A 92 -8.95 -9.15 -6.30
C CYS A 92 -7.75 -8.70 -7.09
N GLY A 93 -6.82 -9.61 -7.26
CA GLY A 93 -5.72 -9.48 -8.18
C GLY A 93 -6.09 -10.29 -9.43
N GLY A 94 -5.17 -10.34 -10.36
CA GLY A 94 -5.39 -11.06 -11.60
C GLY A 94 -4.09 -11.00 -12.35
N VAL A 95 -3.99 -11.82 -13.42
CA VAL A 95 -2.78 -11.97 -14.25
C VAL A 95 -3.08 -11.79 -15.72
N LEU A 96 -2.38 -10.85 -16.37
CA LEU A 96 -2.52 -10.64 -17.80
C LEU A 96 -1.79 -11.84 -18.45
N ILE A 97 -2.49 -12.59 -19.28
CA ILE A 97 -1.91 -13.80 -19.90
C ILE A 97 -1.92 -13.73 -21.43
N HIS A 98 -2.55 -12.68 -21.97
CA HIS A 98 -2.76 -12.45 -23.40
C HIS A 98 -3.25 -10.99 -23.52
N PRO A 99 -2.91 -10.22 -24.60
CA PRO A 99 -3.38 -8.81 -24.69
C PRO A 99 -4.88 -8.60 -24.43
N LEU A 100 -5.69 -9.62 -24.71
CA LEU A 100 -7.14 -9.51 -24.49
C LEU A 100 -7.66 -10.22 -23.24
N TRP A 101 -6.78 -10.92 -22.48
CA TRP A 101 -7.28 -11.73 -21.37
C TRP A 101 -6.55 -11.65 -20.07
N VAL A 102 -7.32 -11.54 -19.00
CA VAL A 102 -6.80 -11.55 -17.63
C VAL A 102 -7.38 -12.83 -16.97
N LEU A 103 -6.51 -13.59 -16.30
CA LEU A 103 -6.87 -14.78 -15.56
C LEU A 103 -7.01 -14.36 -14.09
N THR A 104 -8.08 -14.81 -13.41
CA THR A 104 -8.33 -14.53 -12.00
C THR A 104 -9.07 -15.75 -11.41
N ALA A 105 -9.51 -15.65 -10.14
CA ALA A 105 -10.26 -16.66 -9.41
C ALA A 105 -11.74 -16.45 -9.74
N ALA A 106 -12.49 -17.54 -9.87
CA ALA A 106 -13.93 -17.52 -10.15
C ALA A 106 -14.70 -16.81 -9.04
N HIS A 107 -14.20 -16.86 -7.78
CA HIS A 107 -14.90 -16.21 -6.65
C HIS A 107 -14.80 -14.68 -6.71
N CYS A 108 -14.01 -14.15 -7.69
CA CYS A 108 -13.81 -12.71 -7.94
C CYS A 108 -14.91 -12.11 -8.84
N LYS A 109 -15.87 -12.93 -9.28
CA LYS A 109 -16.97 -12.47 -10.15
C LYS A 109 -17.89 -11.55 -9.33
N LYS A 110 -17.77 -10.25 -9.57
CA LYS A 110 -18.57 -9.23 -8.88
C LYS A 110 -19.11 -8.24 -9.92
N PRO A 111 -20.10 -7.37 -9.58
CA PRO A 111 -20.68 -6.49 -10.61
C PRO A 111 -19.73 -5.43 -11.14
N ASN A 112 -19.82 -5.24 -12.45
CA ASN A 112 -19.16 -4.18 -13.22
C ASN A 112 -17.68 -4.06 -12.93
N LEU A 113 -16.95 -5.17 -13.06
CA LEU A 113 -15.52 -5.20 -12.79
C LEU A 113 -14.76 -4.24 -13.67
N GLN A 114 -13.81 -3.55 -13.04
CA GLN A 114 -12.88 -2.63 -13.66
C GLN A 114 -11.53 -3.25 -13.46
N VAL A 115 -10.80 -3.46 -14.56
CA VAL A 115 -9.48 -4.06 -14.54
C VAL A 115 -8.46 -2.93 -14.79
N PHE A 116 -7.44 -2.85 -13.91
CA PHE A 116 -6.32 -1.93 -14.00
C PHE A 116 -5.00 -2.69 -14.22
N LEU A 117 -4.34 -2.36 -15.29
CA LEU A 117 -3.02 -2.90 -15.64
C LEU A 117 -1.98 -1.79 -15.48
N GLY A 118 -0.71 -2.17 -15.31
CA GLY A 118 0.39 -1.21 -15.14
C GLY A 118 0.35 -0.41 -13.85
N LYS A 119 -0.33 -0.91 -12.81
CA LYS A 119 -0.36 -0.22 -11.52
C LYS A 119 0.75 -0.73 -10.59
N HIS A 120 1.22 0.17 -9.69
CA HIS A 120 2.17 -0.10 -8.64
C HIS A 120 1.61 0.50 -7.34
N ASN A 121 1.28 1.80 -7.34
CA ASN A 121 0.70 2.49 -6.19
C ASN A 121 -0.77 2.80 -6.50
N LEU A 122 -1.68 2.14 -5.78
CA LEU A 122 -3.13 2.35 -5.98
C LEU A 122 -3.59 3.77 -5.55
N GLY A 123 -2.79 4.50 -4.78
CA GLY A 123 -3.17 5.81 -4.27
C GLY A 123 -2.89 6.98 -5.20
N GLN A 124 -2.09 6.75 -6.24
CA GLN A 124 -1.66 7.75 -7.21
C GLN A 124 -2.02 7.35 -8.62
N GLN A 125 -2.24 8.36 -9.49
CA GLN A 125 -2.49 8.19 -10.91
C GLN A 125 -1.13 8.04 -11.56
N GLU A 126 -0.91 6.91 -12.25
CA GLU A 126 0.36 6.54 -12.85
C GLU A 126 0.35 6.59 -14.36
N SER A 127 1.42 7.12 -14.96
CA SER A 127 1.53 7.27 -16.43
C SER A 127 1.52 5.92 -17.19
N SER A 128 1.84 4.84 -16.50
CA SER A 128 1.90 3.48 -17.03
C SER A 128 0.55 2.75 -17.00
N GLN A 129 -0.44 3.26 -16.23
CA GLN A 129 -1.70 2.55 -16.04
C GLN A 129 -2.67 2.60 -17.23
N GLU A 130 -3.40 1.50 -17.41
CA GLU A 130 -4.47 1.27 -18.39
C GLU A 130 -5.64 0.71 -17.63
N GLN A 131 -6.86 1.07 -18.05
CA GLN A 131 -8.08 0.66 -17.40
C GLN A 131 -9.04 0.09 -18.42
N SER A 132 -9.73 -1.02 -18.06
CA SER A 132 -10.71 -1.61 -18.94
C SER A 132 -11.86 -2.27 -18.18
N SER A 133 -13.05 -2.18 -18.76
CA SER A 133 -14.22 -2.88 -18.27
C SER A 133 -14.14 -4.31 -18.88
N VAL A 134 -14.96 -5.23 -18.39
CA VAL A 134 -14.94 -6.62 -18.83
C VAL A 134 -16.11 -6.85 -19.81
N VAL A 135 -15.79 -7.35 -21.01
CA VAL A 135 -16.81 -7.63 -22.03
C VAL A 135 -17.36 -9.07 -21.88
N ARG A 136 -16.57 -9.99 -21.29
CA ARG A 136 -16.96 -11.38 -21.09
C ARG A 136 -16.25 -11.96 -19.85
N ALA A 137 -17.00 -12.46 -18.87
CA ALA A 137 -16.38 -13.15 -17.71
C ALA A 137 -16.69 -14.65 -17.88
N VAL A 138 -15.65 -15.46 -18.12
CA VAL A 138 -15.80 -16.89 -18.36
C VAL A 138 -15.36 -17.72 -17.13
N ILE A 139 -16.32 -18.22 -16.35
CA ILE A 139 -16.05 -19.06 -15.18
C ILE A 139 -15.92 -20.52 -15.65
N HIS A 140 -14.93 -21.29 -15.10
CA HIS A 140 -14.80 -22.71 -15.40
C HIS A 140 -16.17 -23.43 -15.19
N PRO A 141 -16.61 -24.29 -16.13
CA PRO A 141 -17.96 -24.86 -15.99
C PRO A 141 -18.12 -25.74 -14.74
N ASP A 142 -17.00 -26.21 -14.16
CA ASP A 142 -17.08 -27.10 -12.99
C ASP A 142 -16.66 -26.44 -11.71
N TYR A 143 -16.63 -25.09 -11.68
CA TYR A 143 -16.32 -24.34 -10.47
C TYR A 143 -17.36 -24.71 -9.39
N ASP A 144 -16.90 -25.03 -8.19
CA ASP A 144 -17.77 -25.33 -7.05
C ASP A 144 -17.47 -24.35 -5.92
N ALA A 145 -18.34 -23.36 -5.75
CA ALA A 145 -18.17 -22.27 -4.79
C ALA A 145 -17.97 -22.69 -3.32
N ALA A 146 -18.70 -23.73 -2.83
CA ALA A 146 -18.57 -24.24 -1.46
C ALA A 146 -17.15 -24.76 -1.13
N SER A 147 -16.54 -25.52 -2.06
CA SER A 147 -15.24 -26.16 -1.88
C SER A 147 -14.09 -25.39 -2.53
N HIS A 148 -14.38 -24.30 -3.25
CA HIS A 148 -13.45 -23.52 -4.07
C HIS A 148 -12.77 -24.40 -5.15
N ASP A 149 -13.35 -25.56 -5.52
CA ASP A 149 -12.73 -26.43 -6.55
C ASP A 149 -12.89 -25.79 -7.94
N GLN A 150 -11.80 -25.81 -8.75
CA GLN A 150 -11.75 -25.28 -10.10
C GLN A 150 -12.01 -23.77 -10.09
N ASP A 151 -11.36 -23.07 -9.15
CA ASP A 151 -11.52 -21.64 -8.91
C ASP A 151 -10.75 -20.83 -9.93
N ILE A 152 -11.34 -20.70 -11.14
CA ILE A 152 -10.65 -20.06 -12.24
C ILE A 152 -11.63 -19.39 -13.18
N MET A 153 -11.25 -18.17 -13.61
CA MET A 153 -12.11 -17.37 -14.45
C MET A 153 -11.28 -16.56 -15.39
N LEU A 154 -11.73 -16.51 -16.65
CA LEU A 154 -11.10 -15.70 -17.70
C LEU A 154 -11.90 -14.46 -17.97
N LEU A 155 -11.22 -13.31 -17.98
CA LEU A 155 -11.83 -12.01 -18.21
C LEU A 155 -11.40 -11.44 -19.52
N ARG A 156 -12.36 -11.23 -20.47
CA ARG A 156 -12.01 -10.62 -21.76
C ARG A 156 -12.10 -9.13 -21.62
N LEU A 157 -11.01 -8.43 -21.95
CA LEU A 157 -10.93 -6.98 -21.84
C LEU A 157 -11.64 -6.26 -23.02
N ALA A 158 -12.07 -5.00 -22.78
CA ALA A 158 -12.73 -4.14 -23.78
C ALA A 158 -11.89 -3.89 -25.02
N ARG A 159 -10.56 -3.77 -24.89
CA ARG A 159 -9.62 -3.58 -26.01
C ARG A 159 -8.27 -4.26 -25.68
N PRO A 160 -7.42 -4.60 -26.67
CA PRO A 160 -6.12 -5.19 -26.33
C PRO A 160 -5.27 -4.26 -25.46
N ALA A 161 -4.61 -4.83 -24.43
CA ALA A 161 -3.73 -4.10 -23.52
C ALA A 161 -2.60 -3.53 -24.33
N LYS A 162 -2.25 -2.27 -24.09
CA LYS A 162 -1.14 -1.63 -24.78
C LYS A 162 0.12 -2.05 -24.04
N LEU A 163 0.88 -2.97 -24.64
CA LEU A 163 2.07 -3.54 -24.04
C LEU A 163 3.23 -2.55 -23.94
N SER A 164 3.92 -2.56 -22.80
CA SER A 164 5.04 -1.68 -22.48
C SER A 164 5.99 -2.43 -21.59
N GLU A 165 6.97 -1.75 -21.00
CA GLU A 165 7.89 -2.39 -20.07
C GLU A 165 7.11 -2.77 -18.79
N LEU A 166 6.07 -1.99 -18.45
CA LEU A 166 5.28 -2.17 -17.23
C LEU A 166 3.93 -2.91 -17.41
N ILE A 167 3.61 -3.37 -18.65
CA ILE A 167 2.40 -4.16 -18.95
C ILE A 167 2.85 -5.23 -19.94
N GLN A 168 2.96 -6.48 -19.48
CA GLN A 168 3.36 -7.65 -20.28
C GLN A 168 2.59 -8.90 -19.80
N PRO A 169 2.27 -9.86 -20.67
CA PRO A 169 1.61 -11.07 -20.19
C PRO A 169 2.60 -12.03 -19.51
N LEU A 170 2.10 -12.91 -18.64
CA LEU A 170 2.91 -13.94 -17.97
C LEU A 170 2.61 -15.30 -18.59
N PRO A 171 3.64 -16.06 -19.02
CA PRO A 171 3.37 -17.38 -19.63
C PRO A 171 2.94 -18.41 -18.57
N LEU A 172 2.00 -19.29 -18.92
CA LEU A 172 1.50 -20.30 -17.99
C LEU A 172 2.43 -21.49 -17.85
N GLU A 173 2.50 -22.06 -16.64
CA GLU A 173 3.20 -23.33 -16.42
C GLU A 173 2.21 -24.41 -16.93
N ARG A 174 2.57 -25.08 -18.03
CA ARG A 174 1.76 -26.13 -18.65
C ARG A 174 2.08 -27.52 -18.06
N ASP A 175 3.30 -27.67 -17.48
CA ASP A 175 3.79 -28.91 -16.88
C ASP A 175 3.40 -29.06 -15.41
N CYS A 176 2.51 -30.03 -15.11
CA CYS A 176 2.09 -30.30 -13.74
C CYS A 176 3.19 -30.98 -12.91
N SER A 177 4.25 -31.47 -13.60
CA SER A 177 5.42 -32.10 -12.95
C SER A 177 6.61 -31.12 -12.88
N ALA A 178 6.36 -29.79 -13.01
CA ALA A 178 7.41 -28.75 -12.94
C ALA A 178 8.20 -28.90 -11.63
N GLN A 179 9.54 -28.87 -11.71
CA GLN A 179 10.44 -29.09 -10.56
C GLN A 179 10.55 -27.92 -9.55
N THR A 180 10.59 -26.66 -10.05
CA THR A 180 10.73 -25.44 -9.25
C THR A 180 9.67 -25.32 -8.13
N THR A 181 10.12 -25.34 -6.86
CA THR A 181 9.24 -25.20 -5.69
C THR A 181 9.43 -23.82 -5.10
N SER A 182 10.45 -23.07 -5.57
CA SER A 182 10.79 -21.72 -5.14
C SER A 182 9.86 -20.77 -5.87
N CYS A 183 9.01 -20.07 -5.13
CA CYS A 183 8.02 -19.21 -5.79
C CYS A 183 7.93 -17.83 -5.21
N HIS A 184 7.07 -17.00 -5.81
CA HIS A 184 6.72 -15.71 -5.24
C HIS A 184 5.27 -15.39 -5.50
N ILE A 185 4.72 -14.52 -4.65
CA ILE A 185 3.35 -14.04 -4.67
C ILE A 185 3.36 -12.54 -4.56
N LEU A 186 2.29 -11.91 -5.03
CA LEU A 186 2.20 -10.44 -5.01
C LEU A 186 0.76 -9.97 -4.95
N GLY A 187 0.55 -8.77 -4.44
CA GLY A 187 -0.80 -8.22 -4.39
C GLY A 187 -0.94 -7.03 -3.50
N TRP A 188 -2.17 -6.47 -3.50
CA TRP A 188 -2.56 -5.30 -2.71
C TRP A 188 -3.57 -5.69 -1.61
N GLY A 189 -3.59 -6.97 -1.25
CA GLY A 189 -4.45 -7.46 -0.18
C GLY A 189 -3.92 -7.03 1.18
N LYS A 190 -4.65 -7.38 2.25
CA LYS A 190 -4.29 -7.01 3.63
C LYS A 190 -2.86 -7.40 4.06
N THR A 191 -2.17 -6.47 4.72
CA THR A 191 -0.82 -6.67 5.26
C THR A 191 -0.94 -7.04 6.72
N ALA A 192 0.20 -7.38 7.38
CA ALA A 192 0.28 -7.79 8.80
C ALA A 192 -0.50 -6.87 9.79
N ASP A 193 -0.62 -5.55 9.51
CA ASP A 193 -1.38 -4.62 10.36
C ASP A 193 -2.93 -4.65 10.17
N GLY A 194 -3.42 -5.35 9.14
CA GLY A 194 -4.84 -5.45 8.84
C GLY A 194 -5.38 -4.39 7.90
N ASP A 195 -4.50 -3.46 7.47
CA ASP A 195 -4.85 -2.37 6.53
C ASP A 195 -4.55 -2.82 5.07
N PHE A 196 -5.16 -2.11 4.10
CA PHE A 196 -4.95 -2.34 2.65
C PHE A 196 -3.84 -1.40 2.15
N PRO A 197 -2.72 -1.97 1.64
CA PRO A 197 -1.59 -1.12 1.22
C PRO A 197 -1.79 -0.38 -0.09
N ASP A 198 -1.19 0.81 -0.21
CA ASP A 198 -1.26 1.52 -1.48
C ASP A 198 -0.25 0.91 -2.43
N THR A 199 0.93 0.56 -1.92
CA THR A 199 1.98 -0.06 -2.74
CA THR A 199 2.01 -0.05 -2.71
C THR A 199 1.86 -1.59 -2.72
N ILE A 200 2.03 -2.19 -3.90
CA ILE A 200 1.96 -3.65 -4.09
C ILE A 200 3.03 -4.37 -3.25
N GLN A 201 2.62 -5.49 -2.61
CA GLN A 201 3.50 -6.27 -1.76
C GLN A 201 3.97 -7.56 -2.47
N CYS A 202 5.15 -8.05 -2.10
CA CYS A 202 5.87 -9.21 -2.62
C CYS A 202 6.37 -10.09 -1.47
N ALA A 203 6.44 -11.41 -1.70
CA ALA A 203 7.04 -12.37 -0.75
C ALA A 203 7.45 -13.61 -1.49
N TYR A 204 8.61 -14.16 -1.11
CA TYR A 204 9.07 -15.44 -1.64
C TYR A 204 8.48 -16.50 -0.73
N ILE A 205 7.82 -17.51 -1.31
CA ILE A 205 7.23 -18.65 -0.58
C ILE A 205 7.59 -19.93 -1.34
N HIS A 206 7.24 -21.09 -0.80
CA HIS A 206 7.57 -22.32 -1.50
C HIS A 206 6.36 -23.25 -1.58
N LEU A 207 6.33 -24.12 -2.59
CA LEU A 207 5.29 -25.15 -2.75
C LEU A 207 5.42 -26.18 -1.61
N VAL A 208 4.29 -26.55 -1.02
CA VAL A 208 4.15 -27.46 0.13
C VAL A 208 3.56 -28.75 -0.42
N SER A 209 4.03 -29.94 0.08
CA SER A 209 3.59 -31.27 -0.37
C SER A 209 2.07 -31.46 -0.28
N ARG A 210 1.51 -32.31 -1.15
CA ARG A 210 0.08 -32.64 -1.10
C ARG A 210 -0.29 -33.19 0.29
N GLU A 211 0.57 -34.09 0.85
CA GLU A 211 0.37 -34.66 2.19
C GLU A 211 0.31 -33.59 3.30
N GLU A 212 1.19 -32.54 3.22
CA GLU A 212 1.21 -31.49 4.25
C GLU A 212 -0.07 -30.64 4.17
N CYS A 213 -0.47 -30.31 2.95
CA CYS A 213 -1.67 -29.49 2.81
C CYS A 213 -2.97 -30.19 3.18
N GLU A 214 -3.07 -31.47 2.86
CA GLU A 214 -4.21 -32.34 3.23
C GLU A 214 -4.39 -32.36 4.74
N HIS A 215 -3.27 -32.40 5.53
CA HIS A 215 -3.37 -32.39 6.99
C HIS A 215 -3.85 -31.05 7.51
N ALA A 216 -3.41 -29.95 6.86
CA ALA A 216 -3.82 -28.59 7.25
C ALA A 216 -5.32 -28.37 7.00
N TYR A 217 -5.84 -28.93 5.89
CA TYR A 217 -7.24 -28.72 5.50
C TYR A 217 -7.88 -30.10 5.21
N PRO A 218 -8.16 -30.90 6.28
CA PRO A 218 -8.69 -32.26 6.06
C PRO A 218 -9.92 -32.34 5.17
N GLY A 219 -9.79 -33.16 4.10
CA GLY A 219 -10.82 -33.43 3.11
C GLY A 219 -11.19 -32.29 2.17
N GLN A 220 -10.42 -31.16 2.19
CA GLN A 220 -10.72 -29.97 1.37
C GLN A 220 -9.77 -29.71 0.23
N ILE A 221 -8.81 -30.60 -0.03
CA ILE A 221 -7.80 -30.39 -1.08
C ILE A 221 -8.01 -31.34 -2.22
N THR A 222 -8.22 -30.81 -3.44
CA THR A 222 -8.40 -31.60 -4.67
C THR A 222 -7.15 -31.50 -5.53
N GLN A 223 -7.08 -32.31 -6.62
CA GLN A 223 -5.98 -32.28 -7.58
C GLN A 223 -5.93 -30.92 -8.36
N ASN A 224 -7.01 -30.10 -8.26
CA ASN A 224 -7.10 -28.77 -8.88
C ASN A 224 -6.54 -27.66 -7.98
N MET A 225 -5.92 -28.04 -6.84
CA MET A 225 -5.33 -27.15 -5.88
C MET A 225 -3.86 -27.50 -5.60
N LEU A 226 -3.09 -26.47 -5.23
N LEU A 226 -3.08 -26.46 -5.27
CA LEU A 226 -1.67 -26.52 -4.91
CA LEU A 226 -1.67 -26.49 -4.85
C LEU A 226 -1.48 -25.61 -3.69
C LEU A 226 -1.61 -25.69 -3.57
N CYS A 227 -0.66 -26.04 -2.70
CA CYS A 227 -0.45 -25.26 -1.48
C CYS A 227 0.93 -24.72 -1.43
N ALA A 228 1.05 -23.47 -0.94
CA ALA A 228 2.32 -22.76 -0.87
C ALA A 228 2.39 -21.81 0.30
N GLY A 229 3.54 -21.78 0.96
CA GLY A 229 3.66 -20.97 2.16
C GLY A 229 5.05 -20.91 2.75
N ASP A 230 5.11 -20.55 4.02
CA ASP A 230 6.36 -20.38 4.73
C ASP A 230 6.16 -20.70 6.20
N GLU A 231 6.65 -21.85 6.62
CA GLU A 231 6.54 -22.36 8.00
C GLU A 231 7.39 -21.57 9.00
N LYS A 232 8.32 -20.74 8.50
CA LYS A 232 9.26 -19.98 9.30
C LYS A 232 8.76 -18.61 9.73
N TYR A 233 8.23 -17.81 8.78
CA TYR A 233 7.80 -16.45 9.12
C TYR A 233 6.32 -16.17 8.85
N GLY A 234 5.59 -17.16 8.34
CA GLY A 234 4.16 -17.03 8.06
C GLY A 234 3.81 -16.19 6.84
N LYS A 235 4.73 -16.01 5.86
CA LYS A 235 4.43 -15.25 4.64
C LYS A 235 3.21 -15.89 3.95
N ASP A 236 2.22 -15.11 3.60
CA ASP A 236 1.00 -15.66 2.99
C ASP A 236 0.21 -14.58 2.26
N SER A 237 -0.59 -14.99 1.26
N SER A 237 -0.63 -15.01 1.31
CA SER A 237 -1.49 -14.07 0.57
CA SER A 237 -1.58 -14.15 0.59
C SER A 237 -2.68 -13.83 1.55
C SER A 237 -2.73 -13.86 1.55
N CYS A 238 -3.48 -12.77 1.33
CA CYS A 238 -4.61 -12.44 2.22
C CYS A 238 -5.73 -11.79 1.44
N GLN A 239 -6.83 -11.43 2.14
CA GLN A 239 -8.01 -10.75 1.56
C GLN A 239 -7.58 -9.58 0.64
N GLY A 240 -7.99 -9.63 -0.63
CA GLY A 240 -7.65 -8.65 -1.64
C GLY A 240 -6.66 -9.18 -2.65
N ASP A 241 -5.94 -10.26 -2.29
CA ASP A 241 -4.92 -10.86 -3.16
C ASP A 241 -5.42 -11.97 -4.07
N SER A 242 -6.60 -12.56 -3.75
CA SER A 242 -7.09 -13.69 -4.52
C SER A 242 -7.27 -13.37 -6.00
N GLY A 243 -6.97 -14.35 -6.83
CA GLY A 243 -6.97 -14.17 -8.27
C GLY A 243 -5.58 -13.80 -8.74
N GLY A 244 -4.75 -13.33 -7.78
CA GLY A 244 -3.36 -12.95 -7.97
C GLY A 244 -2.46 -14.14 -8.31
N PRO A 245 -1.26 -13.86 -8.84
CA PRO A 245 -0.41 -14.97 -9.27
C PRO A 245 0.53 -15.61 -8.23
N LEU A 246 0.81 -16.89 -8.42
CA LEU A 246 1.84 -17.66 -7.75
C LEU A 246 2.79 -17.95 -8.91
N VAL A 247 3.97 -17.33 -8.86
CA VAL A 247 4.93 -17.38 -9.95
C VAL A 247 6.12 -18.25 -9.52
N CYS A 248 6.47 -19.28 -10.32
CA CYS A 248 7.59 -20.18 -10.06
C CYS A 248 8.31 -20.34 -11.40
N GLY A 249 9.61 -20.01 -11.43
CA GLY A 249 10.42 -20.11 -12.65
C GLY A 249 9.93 -19.24 -13.79
N ASP A 250 9.53 -18.00 -13.48
CA ASP A 250 9.01 -17.01 -14.43
C ASP A 250 7.73 -17.47 -15.17
N HIS A 251 7.01 -18.50 -14.65
CA HIS A 251 5.75 -18.99 -15.22
C HIS A 251 4.63 -18.88 -14.21
N LEU A 252 3.37 -18.79 -14.70
CA LEU A 252 2.24 -18.79 -13.78
C LEU A 252 1.95 -20.24 -13.33
N ARG A 253 2.15 -20.51 -12.01
CA ARG A 253 1.94 -21.82 -11.41
C ARG A 253 0.59 -21.93 -10.79
N GLY A 254 0.15 -20.85 -10.14
CA GLY A 254 -1.17 -20.88 -9.54
C GLY A 254 -1.82 -19.54 -9.44
N LEU A 255 -3.04 -19.54 -8.93
CA LEU A 255 -3.79 -18.34 -8.62
C LEU A 255 -4.17 -18.41 -7.15
N VAL A 256 -4.04 -17.28 -6.44
CA VAL A 256 -4.44 -17.19 -5.02
C VAL A 256 -5.94 -17.58 -4.93
N SER A 257 -6.28 -18.61 -4.14
CA SER A 257 -7.67 -19.05 -4.09
C SER A 257 -8.28 -18.88 -2.69
N TRP A 258 -7.70 -19.54 -1.68
CA TRP A 258 -8.22 -19.46 -0.32
C TRP A 258 -7.09 -19.86 0.65
N GLY A 259 -7.40 -19.99 1.92
CA GLY A 259 -6.44 -20.34 2.97
C GLY A 259 -7.11 -20.21 4.31
N ASP A 260 -6.32 -20.00 5.38
CA ASP A 260 -6.87 -19.84 6.74
C ASP A 260 -7.06 -18.40 7.15
N TYR A 261 -7.89 -18.19 8.20
CA TYR A 261 -8.14 -16.90 8.82
C TYR A 261 -7.73 -16.99 10.31
N PRO A 262 -6.85 -16.08 10.81
CA PRO A 262 -6.19 -14.98 10.08
C PRO A 262 -5.16 -15.51 9.09
N CYS A 263 -4.74 -14.68 8.14
CA CYS A 263 -3.74 -15.11 7.15
C CYS A 263 -2.36 -15.22 7.83
N GLY A 264 -1.47 -16.00 7.24
CA GLY A 264 -0.11 -16.09 7.77
C GLY A 264 0.19 -17.04 8.91
N SER A 265 -0.56 -18.14 8.98
CA SER A 265 -0.30 -19.21 9.95
C SER A 265 1.00 -19.88 9.51
N LYS A 266 1.82 -20.35 10.47
CA LYS A 266 3.05 -21.06 10.11
C LYS A 266 2.68 -22.52 9.79
N GLU A 267 1.49 -22.96 10.24
CA GLU A 267 0.99 -24.32 10.09
C GLU A 267 0.08 -24.56 8.87
N ARG A 268 -0.70 -23.53 8.45
CA ARG A 268 -1.63 -23.69 7.33
C ARG A 268 -1.25 -22.79 6.15
N PRO A 269 -0.69 -23.38 5.07
CA PRO A 269 -0.30 -22.55 3.91
C PRO A 269 -1.51 -22.09 3.07
N GLY A 270 -1.28 -21.15 2.16
CA GLY A 270 -2.32 -20.66 1.28
C GLY A 270 -2.65 -21.71 0.24
N VAL A 271 -3.91 -21.72 -0.21
CA VAL A 271 -4.33 -22.69 -1.25
C VAL A 271 -4.50 -21.93 -2.57
N TYR A 272 -3.95 -22.50 -3.65
CA TYR A 272 -3.89 -21.93 -4.99
C TYR A 272 -4.49 -22.84 -6.02
N THR A 273 -5.15 -22.24 -7.03
CA THR A 273 -5.71 -22.95 -8.17
C THR A 273 -4.52 -23.47 -8.95
N ASN A 274 -4.56 -24.76 -9.30
CA ASN A 274 -3.49 -25.43 -10.05
C ASN A 274 -3.62 -25.12 -11.53
N VAL A 275 -2.94 -24.07 -12.00
CA VAL A 275 -3.05 -23.50 -13.37
C VAL A 275 -2.72 -24.51 -14.51
N CYS A 276 -1.76 -25.41 -14.25
CA CYS A 276 -1.34 -26.44 -15.23
C CYS A 276 -2.52 -27.39 -15.63
N ARG A 277 -3.51 -27.54 -14.75
CA ARG A 277 -4.69 -28.38 -15.05
C ARG A 277 -5.64 -27.70 -16.07
N TYR A 278 -5.49 -26.39 -16.32
CA TYR A 278 -6.44 -25.62 -17.13
C TYR A 278 -5.90 -25.17 -18.49
N THR A 279 -4.74 -25.71 -18.92
CA THR A 279 -4.12 -25.41 -20.23
C THR A 279 -5.10 -25.46 -21.42
N ASN A 280 -5.77 -26.60 -21.61
CA ASN A 280 -6.71 -26.81 -22.72
C ASN A 280 -7.92 -25.92 -22.67
N TRP A 281 -8.54 -25.79 -21.46
CA TRP A 281 -9.72 -24.95 -21.28
C TRP A 281 -9.41 -23.46 -21.59
N ILE A 282 -8.25 -22.96 -21.10
CA ILE A 282 -7.82 -21.59 -21.33
C ILE A 282 -7.64 -21.34 -22.81
N GLN A 283 -6.90 -22.24 -23.50
CA GLN A 283 -6.64 -22.07 -24.95
C GLN A 283 -7.96 -22.11 -25.78
N LYS A 284 -8.87 -23.03 -25.43
CA LYS A 284 -10.15 -23.19 -26.11
C LYS A 284 -11.04 -21.95 -25.87
N THR A 285 -11.00 -21.34 -24.66
CA THR A 285 -11.76 -20.11 -24.39
C THR A 285 -11.21 -18.93 -25.21
N ILE A 286 -9.90 -18.72 -25.16
CA ILE A 286 -9.26 -17.61 -25.89
C ILE A 286 -9.52 -17.71 -27.40
N GLN A 287 -9.41 -18.93 -27.96
CA GLN A 287 -9.64 -19.17 -29.40
C GLN A 287 -11.13 -19.24 -29.81
N ALA A 288 -12.09 -19.12 -28.86
CA ALA A 288 -13.54 -19.20 -29.17
C ALA A 288 -14.06 -18.12 -30.12
N LYS A 289 -15.04 -18.52 -30.98
CA LYS A 289 -15.69 -17.62 -31.96
C LYS A 289 -16.78 -16.80 -31.25
N LEU B 67 16.04 6.15 7.86
CA LEU B 67 15.46 6.06 6.51
C LEU B 67 14.07 6.71 6.53
N VAL B 68 13.90 7.77 5.71
CA VAL B 68 12.65 8.53 5.65
C VAL B 68 11.76 8.08 4.49
N HIS B 69 10.43 8.01 4.78
CA HIS B 69 9.32 7.69 3.85
C HIS B 69 9.34 6.23 3.33
N GLY B 70 10.03 5.35 4.06
CA GLY B 70 10.09 3.94 3.75
C GLY B 70 9.07 3.18 4.57
N GLY B 71 9.30 1.89 4.74
CA GLY B 71 8.44 1.00 5.51
C GLY B 71 9.24 -0.14 6.13
N PRO B 72 8.64 -1.00 6.99
CA PRO B 72 9.42 -2.10 7.58
C PRO B 72 9.84 -3.14 6.53
N CYS B 73 11.09 -3.63 6.62
CA CYS B 73 11.61 -4.66 5.70
C CYS B 73 10.94 -6.00 5.95
N ASP B 74 11.09 -6.89 4.96
CA ASP B 74 10.75 -8.31 5.01
C ASP B 74 11.91 -8.85 5.90
N LYS B 75 11.60 -9.72 6.87
CA LYS B 75 12.57 -10.31 7.80
C LYS B 75 13.70 -11.12 7.13
N THR B 76 13.46 -11.60 5.90
CA THR B 76 14.43 -12.42 5.15
C THR B 76 15.17 -11.65 4.04
N SER B 77 14.91 -10.34 3.89
CA SER B 77 15.45 -9.59 2.76
C SER B 77 16.81 -8.88 3.01
N HIS B 78 17.26 -8.83 4.26
CA HIS B 78 18.48 -8.12 4.63
C HIS B 78 19.56 -8.95 5.37
N PRO B 79 20.01 -10.16 4.90
CA PRO B 79 20.99 -10.94 5.69
C PRO B 79 22.37 -10.31 5.85
N TYR B 80 22.73 -9.39 4.94
CA TYR B 80 24.00 -8.67 4.85
C TYR B 80 24.06 -7.40 5.72
N GLN B 81 22.94 -7.01 6.34
CA GLN B 81 22.90 -5.78 7.12
C GLN B 81 23.59 -5.88 8.48
N ALA B 82 24.40 -4.87 8.82
CA ALA B 82 25.05 -4.76 10.12
C ALA B 82 24.58 -3.47 10.77
N ALA B 83 24.45 -3.52 12.10
CA ALA B 83 24.14 -2.40 12.98
C ALA B 83 25.47 -2.12 13.70
N LEU B 84 25.91 -0.87 13.65
CA LEU B 84 27.16 -0.43 14.25
C LEU B 84 26.85 0.40 15.48
N TYR B 85 27.37 -0.05 16.63
CA TYR B 85 27.17 0.57 17.93
C TYR B 85 28.48 1.12 18.49
N THR B 86 28.38 2.23 19.22
CA THR B 86 29.49 2.90 19.86
C THR B 86 29.02 3.28 21.28
N SER B 87 29.63 2.63 22.30
CA SER B 87 29.31 2.76 23.73
C SER B 87 27.83 2.36 24.05
N GLY B 88 27.32 1.35 23.32
CA GLY B 88 25.97 0.81 23.47
C GLY B 88 24.85 1.60 22.82
N HIS B 89 25.18 2.53 21.91
CA HIS B 89 24.19 3.36 21.21
C HIS B 89 24.44 3.40 19.70
N LEU B 90 23.39 3.11 18.89
CA LEU B 90 23.44 3.05 17.42
C LEU B 90 24.03 4.31 16.78
N LEU B 91 25.05 4.13 15.94
CA LEU B 91 25.73 5.21 15.25
C LEU B 91 25.57 5.07 13.72
N CYS B 92 25.87 3.87 13.19
CA CYS B 92 25.87 3.61 11.76
C CYS B 92 25.30 2.26 11.38
N GLY B 93 25.17 2.08 10.07
CA GLY B 93 24.81 0.83 9.42
C GLY B 93 26.11 0.33 8.82
N GLY B 94 26.08 -0.89 8.31
CA GLY B 94 27.23 -1.55 7.70
C GLY B 94 26.80 -2.74 6.86
N VAL B 95 27.72 -3.29 6.05
CA VAL B 95 27.42 -4.40 5.15
C VAL B 95 28.41 -5.54 5.30
N LEU B 96 27.91 -6.75 5.53
CA LEU B 96 28.77 -7.93 5.62
C LEU B 96 29.19 -8.25 4.20
N ILE B 97 30.51 -8.22 3.94
CA ILE B 97 31.06 -8.49 2.61
C ILE B 97 31.91 -9.77 2.58
N HIS B 98 32.35 -10.21 3.76
CA HIS B 98 33.22 -11.38 3.97
C HIS B 98 32.98 -11.84 5.42
N PRO B 99 33.13 -13.17 5.77
CA PRO B 99 32.87 -13.59 7.16
C PRO B 99 33.56 -12.78 8.24
N LEU B 100 34.79 -12.27 7.97
CA LEU B 100 35.55 -11.47 8.93
C LEU B 100 35.48 -9.94 8.68
N TRP B 101 34.78 -9.49 7.61
CA TRP B 101 34.74 -8.07 7.25
C TRP B 101 33.38 -7.45 6.99
N VAL B 102 33.20 -6.25 7.57
CA VAL B 102 32.02 -5.39 7.42
C VAL B 102 32.52 -4.10 6.76
N LEU B 103 31.88 -3.72 5.65
CA LEU B 103 32.15 -2.49 4.93
C LEU B 103 31.18 -1.43 5.50
N THR B 104 31.69 -0.20 5.71
CA THR B 104 30.91 0.94 6.22
C THR B 104 31.53 2.31 5.78
N ALA B 105 30.99 3.43 6.29
CA ALA B 105 31.45 4.78 5.93
C ALA B 105 32.62 5.19 6.82
N ALA B 106 33.55 6.00 6.26
CA ALA B 106 34.73 6.48 6.97
C ALA B 106 34.38 7.38 8.15
N HIS B 107 33.30 8.17 8.04
CA HIS B 107 32.85 9.05 9.14
C HIS B 107 32.17 8.27 10.31
N CYS B 108 32.12 6.93 10.22
CA CYS B 108 31.60 6.06 11.28
C CYS B 108 32.75 5.62 12.22
N LYS B 109 34.02 5.97 11.88
CA LYS B 109 35.22 5.68 12.68
C LYS B 109 35.13 6.34 14.05
N LYS B 110 35.06 5.52 15.09
CA LYS B 110 34.96 5.95 16.50
C LYS B 110 35.60 4.86 17.39
N PRO B 111 36.03 5.17 18.64
CA PRO B 111 36.54 4.10 19.51
C PRO B 111 35.39 3.23 20.04
N ASN B 112 35.70 1.98 20.49
CA ASN B 112 34.74 1.02 21.06
C ASN B 112 33.58 0.66 20.11
N LEU B 113 33.91 0.29 18.86
CA LEU B 113 32.92 -0.09 17.87
C LEU B 113 32.48 -1.53 18.08
N GLN B 114 31.14 -1.76 18.21
CA GLN B 114 30.52 -3.06 18.41
C GLN B 114 29.59 -3.32 17.20
N VAL B 115 29.78 -4.48 16.56
CA VAL B 115 29.03 -4.88 15.37
C VAL B 115 27.96 -5.91 15.74
N PHE B 116 26.75 -5.74 15.20
CA PHE B 116 25.63 -6.65 15.37
C PHE B 116 25.16 -7.12 13.99
N LEU B 117 25.09 -8.46 13.82
CA LEU B 117 24.65 -9.09 12.59
C LEU B 117 23.34 -9.86 12.87
N GLY B 118 22.63 -10.22 11.81
CA GLY B 118 21.36 -10.95 11.85
C GLY B 118 20.25 -10.30 12.65
N LYS B 119 20.28 -8.96 12.82
CA LYS B 119 19.23 -8.23 13.55
C LYS B 119 18.18 -7.67 12.58
N HIS B 120 16.96 -7.48 13.08
CA HIS B 120 15.82 -6.92 12.37
C HIS B 120 15.18 -5.89 13.32
N ASN B 121 14.85 -6.30 14.56
CA ASN B 121 14.33 -5.42 15.60
C ASN B 121 15.44 -5.15 16.62
N LEU B 122 15.82 -3.86 16.81
CA LEU B 122 16.90 -3.46 17.72
C LEU B 122 16.57 -3.50 19.23
N GLY B 123 15.28 -3.47 19.57
CA GLY B 123 14.85 -3.47 20.97
C GLY B 123 14.61 -4.82 21.57
N GLN B 124 14.61 -5.87 20.74
CA GLN B 124 14.35 -7.25 21.14
C GLN B 124 15.56 -8.13 20.87
N GLN B 125 15.71 -9.21 21.65
CA GLN B 125 16.76 -10.20 21.48
C GLN B 125 16.31 -11.16 20.37
N GLU B 126 17.24 -11.56 19.49
CA GLU B 126 16.92 -12.43 18.35
C GLU B 126 17.86 -13.66 18.25
N SER B 127 17.29 -14.86 17.99
CA SER B 127 18.02 -16.14 17.89
C SER B 127 19.06 -16.17 16.78
N SER B 128 18.92 -15.26 15.81
CA SER B 128 19.77 -15.11 14.65
C SER B 128 20.89 -14.08 14.86
N GLN B 129 20.79 -13.24 15.90
CA GLN B 129 21.75 -12.17 16.14
C GLN B 129 23.12 -12.68 16.62
N GLU B 130 24.20 -12.00 16.18
CA GLU B 130 25.59 -12.31 16.56
C GLU B 130 26.31 -11.00 16.87
N GLN B 131 26.92 -10.91 18.05
CA GLN B 131 27.61 -9.71 18.50
C GLN B 131 29.13 -9.88 18.43
N SER B 132 29.78 -9.00 17.63
CA SER B 132 31.22 -9.02 17.45
C SER B 132 31.88 -7.69 17.73
N SER B 133 33.16 -7.74 18.13
CA SER B 133 33.98 -6.58 18.41
C SER B 133 34.83 -6.30 17.18
N VAL B 134 35.31 -5.05 17.06
CA VAL B 134 36.16 -4.64 15.96
C VAL B 134 37.61 -4.68 16.47
N VAL B 135 38.46 -5.44 15.76
CA VAL B 135 39.87 -5.54 16.14
C VAL B 135 40.71 -4.53 15.35
N ARG B 136 40.41 -4.40 14.05
CA ARG B 136 41.07 -3.48 13.12
C ARG B 136 39.98 -2.69 12.38
N ALA B 137 40.03 -1.35 12.46
CA ALA B 137 39.08 -0.42 11.82
C ALA B 137 39.84 0.37 10.72
N VAL B 138 40.02 -0.26 9.54
CA VAL B 138 40.78 0.25 8.39
C VAL B 138 40.06 1.37 7.58
N ILE B 139 40.26 2.64 8.00
CA ILE B 139 39.70 3.82 7.31
C ILE B 139 40.45 4.04 5.98
N HIS B 140 39.76 4.54 4.93
CA HIS B 140 40.43 4.79 3.65
C HIS B 140 41.48 5.89 3.86
N PRO B 141 42.77 5.62 3.53
CA PRO B 141 43.83 6.63 3.74
C PRO B 141 43.60 8.00 3.08
N ASP B 142 42.88 8.02 1.93
CA ASP B 142 42.59 9.25 1.17
C ASP B 142 41.25 9.94 1.53
N TYR B 143 40.59 9.55 2.63
CA TYR B 143 39.32 10.16 3.04
C TYR B 143 39.50 11.63 3.47
N ASP B 144 38.60 12.51 2.98
CA ASP B 144 38.57 13.94 3.30
C ASP B 144 37.23 14.27 3.93
N ALA B 145 37.24 14.56 5.24
CA ALA B 145 36.03 14.87 6.01
C ALA B 145 35.25 16.11 5.54
N ALA B 146 35.96 17.11 4.95
CA ALA B 146 35.35 18.35 4.48
C ALA B 146 34.37 18.11 3.32
N SER B 147 34.79 17.26 2.36
CA SER B 147 34.02 16.94 1.16
C SER B 147 33.32 15.57 1.16
N HIS B 148 33.58 14.69 2.18
CA HIS B 148 33.09 13.30 2.29
C HIS B 148 33.65 12.43 1.15
N ASP B 149 34.75 12.88 0.49
CA ASP B 149 35.31 12.14 -0.62
C ASP B 149 36.07 10.91 -0.14
N GLN B 150 35.78 9.74 -0.74
CA GLN B 150 36.36 8.43 -0.41
C GLN B 150 35.89 8.04 1.00
N ASP B 151 34.54 8.10 1.18
CA ASP B 151 33.88 7.81 2.44
C ASP B 151 33.65 6.29 2.59
N ILE B 152 34.75 5.56 2.80
CA ILE B 152 34.75 4.10 2.94
C ILE B 152 35.73 3.63 4.05
N MET B 153 35.30 2.62 4.80
CA MET B 153 36.06 2.01 5.90
C MET B 153 35.72 0.51 6.02
N LEU B 154 36.73 -0.32 6.28
CA LEU B 154 36.58 -1.76 6.50
C LEU B 154 36.79 -2.08 7.98
N LEU B 155 35.91 -2.94 8.56
CA LEU B 155 35.99 -3.33 9.97
C LEU B 155 36.25 -4.81 10.06
N ARG B 156 37.38 -5.20 10.66
CA ARG B 156 37.69 -6.62 10.81
C ARG B 156 37.08 -7.10 12.12
N LEU B 157 36.23 -8.14 12.03
CA LEU B 157 35.56 -8.73 13.17
C LEU B 157 36.51 -9.61 13.98
N ALA B 158 36.35 -9.59 15.33
CA ALA B 158 37.14 -10.39 16.27
C ALA B 158 36.93 -11.91 16.11
N ARG B 159 35.85 -12.31 15.37
CA ARG B 159 35.49 -13.70 15.06
C ARG B 159 34.72 -13.79 13.72
N PRO B 160 34.86 -14.89 12.93
CA PRO B 160 34.09 -14.99 11.68
C PRO B 160 32.58 -15.03 11.92
N ALA B 161 31.81 -14.41 11.01
CA ALA B 161 30.35 -14.40 11.08
C ALA B 161 29.83 -15.80 10.78
N LYS B 162 28.94 -16.30 11.65
CA LYS B 162 28.31 -17.61 11.48
C LYS B 162 27.18 -17.45 10.48
N LEU B 163 27.45 -17.83 9.23
CA LEU B 163 26.52 -17.68 8.11
C LEU B 163 25.34 -18.65 8.18
N SER B 164 24.15 -18.06 8.15
CA SER B 164 22.85 -18.73 8.19
C SER B 164 21.94 -18.09 7.13
N GLU B 165 20.62 -18.39 7.17
CA GLU B 165 19.62 -17.81 6.28
C GLU B 165 19.55 -16.27 6.48
N LEU B 166 19.73 -15.81 7.73
CA LEU B 166 19.63 -14.40 8.13
C LEU B 166 20.99 -13.67 8.30
N ILE B 167 22.12 -14.36 8.03
CA ILE B 167 23.46 -13.77 8.09
C ILE B 167 24.19 -14.25 6.87
N GLN B 168 24.28 -13.39 5.85
CA GLN B 168 24.94 -13.72 4.58
C GLN B 168 25.71 -12.50 4.04
N PRO B 169 26.89 -12.66 3.40
CA PRO B 169 27.56 -11.47 2.84
C PRO B 169 26.89 -11.02 1.55
N LEU B 170 27.08 -9.73 1.17
CA LEU B 170 26.53 -9.21 -0.09
C LEU B 170 27.66 -9.09 -1.13
N PRO B 171 27.53 -9.69 -2.34
CA PRO B 171 28.59 -9.52 -3.36
C PRO B 171 28.67 -8.07 -3.84
N LEU B 172 29.88 -7.60 -4.15
CA LEU B 172 30.12 -6.22 -4.58
C LEU B 172 29.94 -6.04 -6.08
N GLU B 173 29.46 -4.85 -6.52
CA GLU B 173 29.35 -4.52 -7.94
C GLU B 173 30.72 -3.97 -8.37
N ARG B 174 31.45 -4.74 -9.16
CA ARG B 174 32.81 -4.40 -9.58
C ARG B 174 32.85 -3.52 -10.84
N ASP B 175 31.80 -3.57 -11.69
CA ASP B 175 31.70 -2.77 -12.92
C ASP B 175 31.13 -1.36 -12.63
N CYS B 176 31.91 -0.31 -12.95
CA CYS B 176 31.47 1.07 -12.71
C CYS B 176 30.40 1.54 -13.71
N SER B 177 30.29 0.86 -14.87
CA SER B 177 29.30 1.15 -15.91
C SER B 177 28.12 0.16 -15.83
N ALA B 178 27.80 -0.32 -14.59
CA ALA B 178 26.72 -1.27 -14.31
C ALA B 178 25.37 -0.75 -14.82
N GLN B 179 24.66 -1.60 -15.56
CA GLN B 179 23.39 -1.30 -16.25
C GLN B 179 22.19 -0.98 -15.33
N THR B 180 21.87 -1.87 -14.37
CA THR B 180 20.70 -1.78 -13.48
C THR B 180 20.57 -0.48 -12.67
N THR B 181 19.31 -0.14 -12.34
CA THR B 181 18.88 1.01 -11.54
C THR B 181 17.73 0.59 -10.56
N SER B 182 17.46 -0.75 -10.48
CA SER B 182 16.47 -1.34 -9.55
C SER B 182 17.16 -1.38 -8.18
N CYS B 183 17.16 -0.23 -7.50
CA CYS B 183 17.88 -0.06 -6.26
C CYS B 183 17.01 0.04 -5.03
N HIS B 184 17.57 -0.36 -3.89
CA HIS B 184 16.95 -0.22 -2.59
C HIS B 184 17.99 0.09 -1.51
N ILE B 185 17.57 0.85 -0.51
CA ILE B 185 18.33 1.24 0.67
C ILE B 185 17.64 0.66 1.93
N LEU B 186 18.41 0.44 3.01
CA LEU B 186 17.88 -0.10 4.27
C LEU B 186 18.64 0.39 5.49
N GLY B 187 17.94 0.47 6.63
CA GLY B 187 18.58 0.91 7.87
C GLY B 187 17.70 1.21 9.06
N TRP B 188 18.36 1.52 10.18
CA TRP B 188 17.72 1.85 11.46
C TRP B 188 17.84 3.34 11.80
N GLY B 189 18.17 4.16 10.80
CA GLY B 189 18.29 5.60 10.94
C GLY B 189 16.96 6.30 11.17
N LYS B 190 17.02 7.64 11.36
CA LYS B 190 15.86 8.48 11.62
C LYS B 190 14.73 8.34 10.59
N THR B 191 13.51 8.06 11.07
CA THR B 191 12.29 7.98 10.26
C THR B 191 11.73 9.42 10.09
N ALA B 192 10.69 9.61 9.24
CA ALA B 192 10.08 10.91 8.93
C ALA B 192 9.69 11.74 10.17
N ASP B 193 9.24 11.08 11.26
CA ASP B 193 8.88 11.73 12.52
C ASP B 193 10.10 12.32 13.25
N GLY B 194 11.29 11.76 12.99
CA GLY B 194 12.54 12.18 13.61
C GLY B 194 13.01 11.24 14.71
N ASP B 195 12.22 10.17 14.96
CA ASP B 195 12.46 9.12 15.95
C ASP B 195 13.27 7.97 15.32
N PHE B 196 14.03 7.23 16.16
CA PHE B 196 14.84 6.10 15.71
C PHE B 196 14.03 4.79 15.82
N PRO B 197 13.85 4.03 14.72
CA PRO B 197 13.02 2.81 14.80
C PRO B 197 13.72 1.56 15.32
N ASP B 198 12.94 0.68 15.96
CA ASP B 198 13.40 -0.63 16.43
C ASP B 198 13.52 -1.54 15.19
N THR B 199 12.43 -1.61 14.38
CA THR B 199 12.34 -2.41 13.15
C THR B 199 13.02 -1.68 12.00
N ILE B 200 13.93 -2.41 11.31
CA ILE B 200 14.72 -1.93 10.17
C ILE B 200 13.77 -1.42 9.05
N GLN B 201 14.20 -0.37 8.34
CA GLN B 201 13.39 0.23 7.29
C GLN B 201 13.97 -0.04 5.92
N CYS B 202 13.09 -0.12 4.92
CA CYS B 202 13.44 -0.40 3.53
C CYS B 202 12.72 0.57 2.59
N ALA B 203 13.36 0.89 1.46
CA ALA B 203 12.79 1.74 0.40
C ALA B 203 13.50 1.52 -0.92
N TYR B 204 12.71 1.35 -1.99
CA TYR B 204 13.19 1.22 -3.35
C TYR B 204 13.42 2.64 -3.88
N ILE B 205 14.63 2.92 -4.39
CA ILE B 205 15.00 4.24 -4.93
C ILE B 205 15.68 4.07 -6.30
N HIS B 206 15.77 5.16 -7.09
CA HIS B 206 16.40 5.13 -8.41
CA HIS B 206 16.40 5.12 -8.41
C HIS B 206 17.63 6.03 -8.46
N LEU B 207 18.66 5.60 -9.20
CA LEU B 207 19.90 6.35 -9.38
C LEU B 207 19.64 7.62 -10.19
N VAL B 208 20.11 8.76 -9.68
CA VAL B 208 20.04 10.09 -10.29
C VAL B 208 21.33 10.27 -11.11
N SER B 209 21.26 10.97 -12.27
CA SER B 209 22.42 11.17 -13.15
C SER B 209 23.52 12.04 -12.52
N ARG B 210 24.77 11.86 -12.95
CA ARG B 210 25.93 12.61 -12.47
C ARG B 210 25.73 14.14 -12.58
N GLU B 211 25.16 14.62 -13.70
CA GLU B 211 24.90 16.04 -13.98
C GLU B 211 23.81 16.61 -13.08
N GLU B 212 22.76 15.81 -12.80
CA GLU B 212 21.62 16.21 -11.97
C GLU B 212 22.02 16.37 -10.50
N CYS B 213 22.94 15.51 -10.01
CA CYS B 213 23.43 15.57 -8.64
C CYS B 213 24.40 16.74 -8.46
N GLU B 214 25.29 16.96 -9.46
CA GLU B 214 26.26 18.06 -9.51
C GLU B 214 25.57 19.43 -9.41
N HIS B 215 24.38 19.57 -10.04
CA HIS B 215 23.57 20.78 -9.97
C HIS B 215 23.02 20.97 -8.56
N ALA B 216 22.55 19.87 -7.92
CA ALA B 216 21.99 19.88 -6.55
C ALA B 216 23.05 20.20 -5.48
N TYR B 217 24.32 19.80 -5.71
CA TYR B 217 25.47 20.00 -4.81
C TYR B 217 26.71 20.46 -5.61
N PRO B 218 26.83 21.79 -5.89
CA PRO B 218 27.95 22.29 -6.70
C PRO B 218 29.35 22.03 -6.16
N GLY B 219 30.21 21.47 -7.02
CA GLY B 219 31.60 21.12 -6.72
C GLY B 219 31.82 20.07 -5.64
N GLN B 220 30.73 19.46 -5.15
CA GLN B 220 30.71 18.49 -4.07
C GLN B 220 30.70 17.04 -4.51
N ILE B 221 30.25 16.76 -5.75
CA ILE B 221 30.15 15.42 -6.34
C ILE B 221 31.44 15.03 -7.05
N THR B 222 31.99 13.85 -6.72
CA THR B 222 33.22 13.31 -7.30
C THR B 222 32.97 11.95 -7.98
N GLN B 223 34.01 11.41 -8.66
CA GLN B 223 33.97 10.11 -9.36
C GLN B 223 33.87 8.91 -8.40
N ASN B 224 34.10 9.16 -7.09
CA ASN B 224 34.04 8.16 -6.04
C ASN B 224 32.71 8.26 -5.29
N MET B 225 31.75 8.99 -5.89
CA MET B 225 30.40 9.20 -5.35
C MET B 225 29.35 8.75 -6.36
N LEU B 226 28.15 8.39 -5.86
CA LEU B 226 26.98 7.96 -6.59
C LEU B 226 25.77 8.66 -6.00
N CYS B 227 24.75 8.92 -6.82
CA CYS B 227 23.54 9.58 -6.35
C CYS B 227 22.28 8.78 -6.65
N ALA B 228 21.32 8.81 -5.70
CA ALA B 228 20.05 8.12 -5.80
C ALA B 228 18.95 8.78 -4.95
N GLY B 229 17.71 8.70 -5.41
CA GLY B 229 16.58 9.28 -4.70
C GLY B 229 15.22 8.97 -5.32
N ASP B 230 14.19 9.60 -4.74
CA ASP B 230 12.80 9.45 -5.19
C ASP B 230 12.15 10.84 -5.28
N GLU B 231 11.81 11.26 -6.52
CA GLU B 231 11.20 12.56 -6.80
C GLU B 231 9.77 12.70 -6.25
N LYS B 232 8.98 11.62 -6.26
CA LYS B 232 7.57 11.63 -5.81
C LYS B 232 7.39 11.71 -4.28
N TYR B 233 7.96 10.76 -3.51
CA TYR B 233 7.76 10.72 -2.05
C TYR B 233 8.95 11.28 -1.25
N GLY B 234 10.12 11.35 -1.89
CA GLY B 234 11.33 11.86 -1.27
C GLY B 234 12.04 10.83 -0.41
N LYS B 235 11.86 9.52 -0.73
CA LYS B 235 12.47 8.37 -0.04
C LYS B 235 13.97 8.56 -0.01
N ASP B 236 14.52 8.61 1.21
CA ASP B 236 15.93 8.88 1.42
C ASP B 236 16.48 8.26 2.70
N SER B 237 17.80 8.01 2.74
N SER B 237 17.80 8.05 2.75
CA SER B 237 18.48 7.53 3.95
CA SER B 237 18.48 7.56 3.94
C SER B 237 18.66 8.74 4.89
C SER B 237 18.62 8.76 4.90
N CYS B 238 18.83 8.50 6.20
CA CYS B 238 18.95 9.58 7.20
C CYS B 238 20.06 9.32 8.24
N GLN B 239 20.19 10.20 9.27
CA GLN B 239 21.13 10.05 10.39
C GLN B 239 20.86 8.67 11.03
N GLY B 240 21.91 7.86 11.19
CA GLY B 240 21.83 6.48 11.71
C GLY B 240 22.01 5.42 10.63
N ASP B 241 21.83 5.78 9.34
CA ASP B 241 21.93 4.89 8.17
C ASP B 241 23.28 4.85 7.49
N SER B 242 24.20 5.83 7.78
CA SER B 242 25.55 5.92 7.17
C SER B 242 26.25 4.59 7.16
N GLY B 243 26.99 4.32 6.08
CA GLY B 243 27.70 3.06 5.91
C GLY B 243 26.83 1.91 5.48
N GLY B 244 25.51 2.14 5.48
CA GLY B 244 24.47 1.20 5.06
C GLY B 244 24.53 0.90 3.57
N PRO B 245 23.86 -0.17 3.08
CA PRO B 245 23.96 -0.50 1.65
C PRO B 245 23.00 0.19 0.69
N LEU B 246 23.49 0.42 -0.54
CA LEU B 246 22.70 0.83 -1.69
C LEU B 246 22.79 -0.45 -2.53
N VAL B 247 21.65 -1.15 -2.66
CA VAL B 247 21.61 -2.44 -3.34
C VAL B 247 20.92 -2.31 -4.68
N CYS B 248 21.63 -2.66 -5.77
CA CYS B 248 21.12 -2.63 -7.14
C CYS B 248 21.50 -3.96 -7.78
N GLY B 249 20.50 -4.65 -8.35
CA GLY B 249 20.67 -5.96 -8.98
C GLY B 249 21.31 -7.01 -8.10
N ASP B 250 20.90 -7.05 -6.80
CA ASP B 250 21.38 -7.99 -5.76
C ASP B 250 22.91 -7.86 -5.47
N HIS B 251 23.50 -6.71 -5.82
CA HIS B 251 24.92 -6.39 -5.61
C HIS B 251 25.03 -5.10 -4.81
N LEU B 252 26.15 -4.94 -4.07
CA LEU B 252 26.44 -3.73 -3.32
C LEU B 252 27.00 -2.69 -4.31
N ARG B 253 26.23 -1.62 -4.51
CA ARG B 253 26.56 -0.52 -5.43
C ARG B 253 27.14 0.68 -4.67
N GLY B 254 26.56 1.00 -3.51
CA GLY B 254 26.99 2.15 -2.73
C GLY B 254 26.83 2.03 -1.24
N LEU B 255 27.42 2.99 -0.54
CA LEU B 255 27.31 3.07 0.91
C LEU B 255 26.72 4.42 1.26
N VAL B 256 25.70 4.45 2.13
CA VAL B 256 25.08 5.71 2.57
C VAL B 256 26.22 6.63 3.10
N SER B 257 26.41 7.79 2.45
CA SER B 257 27.49 8.73 2.80
C SER B 257 26.94 10.05 3.36
N TRP B 258 26.18 10.79 2.54
CA TRP B 258 25.59 12.08 2.93
C TRP B 258 24.37 12.45 2.06
N GLY B 259 23.89 13.68 2.19
CA GLY B 259 22.75 14.17 1.43
C GLY B 259 22.21 15.49 1.93
N ASP B 260 20.91 15.69 1.74
CA ASP B 260 20.23 16.94 2.13
C ASP B 260 19.88 16.99 3.62
N TYR B 261 19.82 18.22 4.18
CA TYR B 261 19.43 18.50 5.55
C TYR B 261 18.21 19.47 5.59
N PRO B 262 17.05 19.03 6.11
CA PRO B 262 16.75 17.71 6.68
C PRO B 262 16.62 16.63 5.59
N CYS B 263 16.53 15.37 6.01
CA CYS B 263 16.39 14.20 5.14
C CYS B 263 15.12 14.26 4.27
N GLY B 264 15.29 13.83 3.03
CA GLY B 264 14.26 13.81 1.99
C GLY B 264 14.96 13.97 0.66
N SER B 265 14.60 13.17 -0.35
CA SER B 265 15.26 13.23 -1.65
C SER B 265 14.45 13.93 -2.77
N LYS B 266 13.39 14.69 -2.40
CA LYS B 266 12.53 15.40 -3.36
C LYS B 266 13.29 16.44 -4.21
N GLU B 267 14.08 17.33 -3.56
CA GLU B 267 14.87 18.37 -4.25
C GLU B 267 16.28 17.89 -4.57
N ARG B 268 17.02 17.48 -3.52
CA ARG B 268 18.42 17.01 -3.58
C ARG B 268 18.50 15.51 -3.22
N PRO B 269 19.17 14.67 -4.05
CA PRO B 269 19.19 13.23 -3.77
C PRO B 269 20.27 12.80 -2.76
N GLY B 270 20.18 11.56 -2.30
CA GLY B 270 21.16 10.99 -1.38
C GLY B 270 22.47 10.77 -2.10
N VAL B 271 23.60 10.96 -1.38
CA VAL B 271 24.94 10.76 -1.91
C VAL B 271 25.50 9.49 -1.25
N TYR B 272 26.06 8.61 -2.08
CA TYR B 272 26.58 7.29 -1.72
C TYR B 272 28.00 7.16 -2.19
N THR B 273 28.81 6.38 -1.44
CA THR B 273 30.21 6.06 -1.79
C THR B 273 30.16 5.05 -2.92
N ASN B 274 30.83 5.36 -4.05
CA ASN B 274 30.90 4.54 -5.27
C ASN B 274 31.81 3.32 -5.03
N VAL B 275 31.17 2.21 -4.60
CA VAL B 275 31.78 0.93 -4.20
C VAL B 275 32.67 0.30 -5.30
N CYS B 276 32.28 0.43 -6.58
CA CYS B 276 33.06 -0.08 -7.72
C CYS B 276 34.48 0.52 -7.81
N ARG B 277 34.64 1.77 -7.34
CA ARG B 277 35.92 2.51 -7.35
C ARG B 277 36.94 2.02 -6.31
N TYR B 278 36.54 1.09 -5.39
CA TYR B 278 37.40 0.59 -4.31
C TYR B 278 37.71 -0.90 -4.35
N THR B 279 37.45 -1.55 -5.52
CA THR B 279 37.67 -2.97 -5.80
C THR B 279 39.05 -3.44 -5.36
N ASN B 280 40.11 -2.70 -5.73
CA ASN B 280 41.48 -3.06 -5.38
C ASN B 280 41.82 -2.88 -3.90
N TRP B 281 41.49 -1.70 -3.30
CA TRP B 281 41.75 -1.41 -1.88
C TRP B 281 41.08 -2.42 -0.94
N ILE B 282 39.81 -2.80 -1.22
CA ILE B 282 39.05 -3.80 -0.44
C ILE B 282 39.81 -5.14 -0.38
N GLN B 283 40.16 -5.71 -1.57
CA GLN B 283 40.88 -7.00 -1.69
C GLN B 283 42.26 -6.93 -1.02
N LYS B 284 42.99 -5.81 -1.22
CA LYS B 284 44.31 -5.54 -0.64
C LYS B 284 44.27 -5.61 0.89
N THR B 285 43.23 -4.98 1.51
CA THR B 285 43.01 -4.94 2.95
C THR B 285 42.66 -6.32 3.50
N ILE B 286 41.76 -7.08 2.81
CA ILE B 286 41.33 -8.43 3.24
C ILE B 286 42.49 -9.43 3.21
N GLN B 287 43.26 -9.44 2.11
CA GLN B 287 44.41 -10.34 1.91
C GLN B 287 45.63 -9.99 2.79
N ALA B 288 45.62 -8.84 3.50
CA ALA B 288 46.70 -8.39 4.38
C ALA B 288 46.64 -9.11 5.73
N LEU C 67 -12.06 15.01 -1.20
CA LEU C 67 -12.89 15.62 -2.24
C LEU C 67 -12.00 16.13 -3.35
N VAL C 68 -12.17 15.58 -4.58
CA VAL C 68 -11.38 15.92 -5.76
C VAL C 68 -12.01 17.05 -6.61
N HIS C 69 -11.13 17.95 -7.07
CA HIS C 69 -11.38 19.07 -7.99
C HIS C 69 -12.25 20.19 -7.39
N GLY C 70 -12.22 20.33 -6.07
CA GLY C 70 -12.92 21.41 -5.42
C GLY C 70 -11.94 22.46 -4.94
N GLY C 71 -12.28 23.11 -3.83
CA GLY C 71 -11.44 24.12 -3.23
C GLY C 71 -11.79 24.30 -1.76
N PRO C 72 -11.00 25.11 -1.00
CA PRO C 72 -11.32 25.29 0.44
C PRO C 72 -12.68 25.92 0.65
N CYS C 73 -13.43 25.44 1.67
CA CYS C 73 -14.71 26.04 2.03
C CYS C 73 -14.45 27.40 2.66
N ASP C 74 -15.49 28.26 2.65
CA ASP C 74 -15.52 29.50 3.41
C ASP C 74 -15.59 29.00 4.88
N LYS C 75 -14.87 29.63 5.83
CA LYS C 75 -14.81 29.20 7.23
C LYS C 75 -16.18 29.11 7.93
N THR C 76 -17.17 29.90 7.49
CA THR C 76 -18.47 29.97 8.17
C THR C 76 -19.63 29.19 7.48
N SER C 77 -19.38 28.51 6.36
CA SER C 77 -20.48 27.90 5.61
C SER C 77 -20.77 26.40 5.92
N HIS C 78 -20.12 25.80 6.94
CA HIS C 78 -20.36 24.36 7.18
C HIS C 78 -20.47 24.08 8.69
N PRO C 79 -21.37 24.79 9.44
CA PRO C 79 -21.42 24.59 10.90
C PRO C 79 -21.91 23.19 11.33
N TYR C 80 -22.54 22.45 10.40
CA TYR C 80 -23.08 21.08 10.61
C TYR C 80 -22.02 19.96 10.40
N GLN C 81 -20.87 20.31 9.82
CA GLN C 81 -19.86 19.30 9.49
C GLN C 81 -19.17 18.70 10.73
N ALA C 82 -19.00 17.37 10.75
CA ALA C 82 -18.29 16.63 11.78
C ALA C 82 -17.10 15.93 11.16
N ALA C 83 -15.99 15.81 11.91
CA ALA C 83 -14.84 15.01 11.49
C ALA C 83 -14.84 13.79 12.48
N LEU C 84 -14.70 12.59 11.91
CA LEU C 84 -14.69 11.36 12.67
C LEU C 84 -13.29 10.82 12.66
N TYR C 85 -12.77 10.61 13.86
CA TYR C 85 -11.44 10.08 14.15
C TYR C 85 -11.48 8.73 14.89
N THR C 86 -10.49 7.91 14.59
CA THR C 86 -10.30 6.61 15.23
C THR C 86 -8.80 6.44 15.48
N SER C 87 -8.41 6.21 16.74
CA SER C 87 -7.01 6.02 17.13
C SER C 87 -6.08 7.18 16.66
N GLY C 88 -6.59 8.40 16.79
CA GLY C 88 -5.91 9.61 16.38
C GLY C 88 -5.83 9.86 14.88
N HIS C 89 -6.49 9.01 14.06
CA HIS C 89 -6.49 9.16 12.60
C HIS C 89 -7.87 9.53 12.08
N LEU C 90 -7.93 10.46 11.14
CA LEU C 90 -9.18 10.85 10.49
C LEU C 90 -9.74 9.65 9.69
N LEU C 91 -11.03 9.36 9.84
CA LEU C 91 -11.64 8.24 9.16
C LEU C 91 -12.75 8.63 8.19
N CYS C 92 -13.68 9.48 8.63
CA CYS C 92 -14.87 9.83 7.87
C CYS C 92 -15.29 11.27 8.22
N GLY C 93 -16.28 11.75 7.48
CA GLY C 93 -16.99 12.99 7.75
C GLY C 93 -18.28 12.55 8.42
N GLY C 94 -19.10 13.51 8.81
CA GLY C 94 -20.37 13.25 9.47
C GLY C 94 -21.17 14.53 9.49
N VAL C 95 -22.46 14.44 9.88
CA VAL C 95 -23.35 15.60 9.89
C VAL C 95 -24.04 15.67 11.22
N LEU C 96 -23.97 16.83 11.87
CA LEU C 96 -24.71 17.06 13.12
C LEU C 96 -26.16 17.26 12.72
N ILE C 97 -27.11 16.49 13.32
CA ILE C 97 -28.53 16.63 12.93
C ILE C 97 -29.40 16.98 14.14
N HIS C 98 -28.79 16.89 15.32
CA HIS C 98 -29.40 17.12 16.63
C HIS C 98 -28.23 17.40 17.60
N PRO C 99 -28.41 18.21 18.68
CA PRO C 99 -27.29 18.41 19.61
C PRO C 99 -26.65 17.12 20.16
N LEU C 100 -27.39 15.99 20.20
CA LEU C 100 -26.84 14.72 20.70
C LEU C 100 -26.44 13.72 19.62
N TRP C 101 -26.72 14.03 18.32
CA TRP C 101 -26.56 13.03 17.28
C TRP C 101 -25.90 13.52 16.01
N VAL C 102 -25.03 12.64 15.51
CA VAL C 102 -24.29 12.81 14.29
C VAL C 102 -24.65 11.65 13.39
N LEU C 103 -24.97 11.97 12.13
CA LEU C 103 -25.29 11.00 11.09
C LEU C 103 -24.04 10.77 10.29
N THR C 104 -23.75 9.51 9.94
CA THR C 104 -22.59 9.14 9.11
C THR C 104 -22.93 7.84 8.34
N ALA C 105 -21.99 7.35 7.58
CA ALA C 105 -22.18 6.13 6.80
C ALA C 105 -21.95 4.93 7.73
N ALA C 106 -22.67 3.83 7.51
CA ALA C 106 -22.52 2.60 8.30
C ALA C 106 -21.14 2.00 8.20
N HIS C 107 -20.45 2.19 7.04
CA HIS C 107 -19.12 1.60 6.83
C HIS C 107 -18.01 2.36 7.61
N CYS C 108 -18.38 3.46 8.33
CA CYS C 108 -17.46 4.22 9.18
C CYS C 108 -17.40 3.65 10.61
N LYS C 109 -18.16 2.55 10.89
CA LYS C 109 -18.19 1.96 12.22
C LYS C 109 -16.83 1.39 12.63
N LYS C 110 -16.34 1.87 13.78
CA LYS C 110 -15.09 1.47 14.43
C LYS C 110 -15.31 1.60 15.94
N PRO C 111 -14.60 0.82 16.80
CA PRO C 111 -14.75 1.07 18.24
C PRO C 111 -13.97 2.36 18.57
N ASN C 112 -14.45 3.09 19.58
CA ASN C 112 -13.85 4.30 20.14
C ASN C 112 -13.76 5.50 19.16
N LEU C 113 -14.86 5.75 18.43
CA LEU C 113 -14.92 6.91 17.54
C LEU C 113 -14.92 8.22 18.35
N GLN C 114 -14.13 9.19 17.89
CA GLN C 114 -14.06 10.55 18.44
C GLN C 114 -14.66 11.53 17.37
N VAL C 115 -15.58 12.39 17.80
CA VAL C 115 -16.22 13.36 16.93
C VAL C 115 -15.70 14.76 17.23
N PHE C 116 -15.23 15.45 16.18
CA PHE C 116 -14.84 16.85 16.28
C PHE C 116 -15.89 17.70 15.54
N LEU C 117 -16.50 18.69 16.24
CA LEU C 117 -17.44 19.66 15.69
C LEU C 117 -16.78 21.07 15.69
N GLY C 118 -17.31 21.99 14.91
CA GLY C 118 -16.83 23.36 14.74
C GLY C 118 -15.41 23.47 14.23
N LYS C 119 -14.97 22.51 13.39
CA LYS C 119 -13.63 22.49 12.80
C LYS C 119 -13.69 22.92 11.36
N HIS C 120 -12.57 23.47 10.88
CA HIS C 120 -12.36 23.97 9.52
C HIS C 120 -10.99 23.46 9.08
N ASN C 121 -9.95 23.74 9.90
CA ASN C 121 -8.55 23.34 9.67
C ASN C 121 -8.08 22.32 10.72
N LEU C 122 -7.78 21.08 10.27
CA LEU C 122 -7.33 20.00 11.15
C LEU C 122 -5.93 20.20 11.75
N GLY C 123 -5.14 21.06 11.10
CA GLY C 123 -3.78 21.37 11.50
C GLY C 123 -3.68 22.52 12.50
N GLN C 124 -4.79 22.94 13.12
CA GLN C 124 -4.79 24.02 14.15
C GLN C 124 -5.90 23.80 15.16
N GLN C 125 -5.72 24.30 16.39
CA GLN C 125 -6.78 24.23 17.39
C GLN C 125 -7.62 25.51 17.22
N GLU C 126 -8.96 25.37 17.08
CA GLU C 126 -9.89 26.45 16.77
C GLU C 126 -10.75 26.75 17.98
N SER C 127 -10.98 28.04 18.28
CA SER C 127 -11.76 28.44 19.47
C SER C 127 -13.21 27.89 19.48
N SER C 128 -13.77 27.60 18.29
CA SER C 128 -15.12 27.09 18.08
C SER C 128 -15.25 25.58 18.24
N GLN C 129 -14.12 24.86 18.26
CA GLN C 129 -14.16 23.41 18.24
C GLN C 129 -14.63 22.75 19.52
N GLU C 130 -15.16 21.54 19.33
CA GLU C 130 -15.68 20.69 20.39
C GLU C 130 -15.35 19.25 20.03
N GLN C 131 -14.75 18.50 20.96
CA GLN C 131 -14.46 17.06 20.75
C GLN C 131 -15.32 16.26 21.73
N SER C 132 -15.85 15.13 21.26
CA SER C 132 -16.68 14.25 22.09
C SER C 132 -16.49 12.81 21.67
N SER C 133 -16.58 11.90 22.65
CA SER C 133 -16.51 10.49 22.35
C SER C 133 -17.94 10.04 21.96
N VAL C 134 -18.05 8.95 21.22
CA VAL C 134 -19.32 8.37 20.83
C VAL C 134 -19.67 7.33 21.90
N VAL C 135 -20.84 7.47 22.53
CA VAL C 135 -21.32 6.57 23.58
C VAL C 135 -22.30 5.46 23.04
N ARG C 136 -22.88 5.68 21.85
CA ARG C 136 -23.75 4.71 21.20
C ARG C 136 -23.67 4.89 19.69
N ALA C 137 -23.35 3.81 18.97
CA ALA C 137 -23.31 3.82 17.49
C ALA C 137 -24.43 2.88 17.03
N VAL C 138 -25.46 3.45 16.35
CA VAL C 138 -26.63 2.71 15.90
C VAL C 138 -26.55 2.54 14.38
N ILE C 139 -25.91 1.46 13.94
CA ILE C 139 -25.84 1.12 12.52
C ILE C 139 -27.29 0.76 12.02
N HIS C 140 -27.62 1.06 10.74
CA HIS C 140 -28.97 0.71 10.27
C HIS C 140 -29.10 -0.83 10.34
N PRO C 141 -30.16 -1.40 10.95
CA PRO C 141 -30.25 -2.87 11.04
C PRO C 141 -30.13 -3.57 9.70
N ASP C 142 -30.60 -2.92 8.62
CA ASP C 142 -30.59 -3.53 7.29
C ASP C 142 -29.37 -3.16 6.42
N TYR C 143 -28.27 -2.65 7.02
CA TYR C 143 -27.05 -2.36 6.24
C TYR C 143 -26.41 -3.61 5.64
N ASP C 144 -26.12 -3.55 4.32
CA ASP C 144 -25.48 -4.64 3.59
C ASP C 144 -24.12 -4.16 3.16
N ALA C 145 -23.07 -4.59 3.86
CA ALA C 145 -21.71 -4.15 3.61
C ALA C 145 -21.22 -4.40 2.17
N ALA C 146 -21.59 -5.52 1.56
CA ALA C 146 -21.13 -5.83 0.20
C ALA C 146 -21.68 -4.84 -0.88
N SER C 147 -23.00 -4.57 -0.86
CA SER C 147 -23.66 -3.68 -1.82
C SER C 147 -23.72 -2.19 -1.41
N HIS C 148 -23.34 -1.89 -0.14
CA HIS C 148 -23.45 -0.55 0.46
C HIS C 148 -24.93 -0.14 0.62
N ASP C 149 -25.88 -1.11 0.53
CA ASP C 149 -27.30 -0.76 0.69
C ASP C 149 -27.61 -0.40 2.14
N GLN C 150 -28.33 0.72 2.35
CA GLN C 150 -28.76 1.28 3.64
C GLN C 150 -27.52 1.71 4.44
N ASP C 151 -26.67 2.50 3.81
CA ASP C 151 -25.38 2.89 4.38
C ASP C 151 -25.51 4.11 5.30
N ILE C 152 -26.07 3.88 6.46
CA ILE C 152 -26.39 4.97 7.41
C ILE C 152 -26.20 4.49 8.82
N MET C 153 -25.69 5.39 9.69
CA MET C 153 -25.43 5.08 11.09
C MET C 153 -25.63 6.38 11.89
N LEU C 154 -26.29 6.28 13.02
CA LEU C 154 -26.49 7.37 14.00
C LEU C 154 -25.46 7.20 15.14
N LEU C 155 -24.78 8.29 15.53
CA LEU C 155 -23.80 8.32 16.61
C LEU C 155 -24.31 9.23 17.69
N ARG C 156 -24.46 8.70 18.90
CA ARG C 156 -24.89 9.53 20.03
C ARG C 156 -23.64 10.05 20.78
N LEU C 157 -23.58 11.38 20.96
CA LEU C 157 -22.42 12.04 21.58
C LEU C 157 -22.47 11.86 23.09
N ALA C 158 -21.29 11.91 23.76
CA ALA C 158 -21.16 11.79 25.22
C ALA C 158 -21.97 12.87 25.97
N ARG C 159 -22.19 14.03 25.33
CA ARG C 159 -22.96 15.14 25.88
C ARG C 159 -23.43 16.04 24.71
N PRO C 160 -24.48 16.86 24.85
CA PRO C 160 -24.91 17.63 23.69
C PRO C 160 -23.93 18.71 23.24
N ALA C 161 -23.78 18.85 21.92
CA ALA C 161 -23.03 19.90 21.24
C ALA C 161 -23.53 21.26 21.77
N LYS C 162 -22.63 22.20 21.99
CA LYS C 162 -23.05 23.53 22.40
C LYS C 162 -23.21 24.31 21.10
N LEU C 163 -24.47 24.58 20.71
CA LEU C 163 -24.74 25.31 19.47
C LEU C 163 -24.15 26.73 19.47
N SER C 164 -23.61 27.16 18.34
CA SER C 164 -22.98 28.48 18.20
C SER C 164 -23.12 28.90 16.73
N GLU C 165 -22.40 29.97 16.31
CA GLU C 165 -22.42 30.34 14.92
C GLU C 165 -21.76 29.24 14.09
N LEU C 166 -20.73 28.56 14.66
CA LEU C 166 -19.96 27.55 13.92
C LEU C 166 -20.29 26.09 14.24
N ILE C 167 -21.32 25.88 15.06
CA ILE C 167 -21.83 24.55 15.39
C ILE C 167 -23.35 24.61 15.31
N GLN C 168 -23.94 23.97 14.29
CA GLN C 168 -25.40 23.96 14.10
C GLN C 168 -25.85 22.68 13.46
N PRO C 169 -27.05 22.13 13.77
CA PRO C 169 -27.51 20.96 13.01
C PRO C 169 -28.01 21.34 11.62
N LEU C 170 -27.99 20.36 10.70
CA LEU C 170 -28.53 20.55 9.36
C LEU C 170 -29.90 19.81 9.26
N PRO C 171 -30.99 20.53 8.91
CA PRO C 171 -32.29 19.85 8.77
C PRO C 171 -32.27 18.77 7.67
N LEU C 172 -32.95 17.67 7.88
CA LEU C 172 -33.03 16.60 6.89
C LEU C 172 -34.00 16.94 5.75
N GLU C 173 -33.73 16.40 4.55
CA GLU C 173 -34.68 16.49 3.47
C GLU C 173 -35.70 15.35 3.75
N ARG C 174 -36.95 15.71 4.01
CA ARG C 174 -38.04 14.77 4.33
CA ARG C 174 -38.02 14.76 4.33
C ARG C 174 -38.77 14.32 3.06
N ASP C 175 -38.73 15.13 2.02
CA ASP C 175 -39.43 14.83 0.78
C ASP C 175 -38.55 14.08 -0.22
N CYS C 176 -38.83 12.77 -0.43
CA CYS C 176 -38.12 11.93 -1.40
C CYS C 176 -38.31 12.40 -2.85
N SER C 177 -39.35 13.23 -3.11
CA SER C 177 -39.67 13.85 -4.39
C SER C 177 -39.13 15.31 -4.50
N ALA C 178 -38.21 15.76 -3.58
CA ALA C 178 -37.64 17.11 -3.62
C ALA C 178 -37.05 17.39 -5.02
N GLN C 179 -37.43 18.54 -5.63
CA GLN C 179 -37.06 18.92 -6.99
C GLN C 179 -35.67 19.53 -7.14
N THR C 180 -35.15 20.20 -6.09
CA THR C 180 -33.82 20.84 -6.12
C THR C 180 -32.78 19.81 -6.56
N THR C 181 -32.01 20.17 -7.58
CA THR C 181 -31.02 19.25 -8.13
C THR C 181 -29.59 19.77 -7.87
N SER C 182 -29.45 21.10 -7.64
CA SER C 182 -28.18 21.78 -7.41
C SER C 182 -27.74 21.59 -5.94
N CYS C 183 -26.59 20.94 -5.75
CA CYS C 183 -26.09 20.56 -4.43
C CYS C 183 -24.66 20.96 -4.17
N HIS C 184 -24.19 20.67 -2.96
CA HIS C 184 -22.78 20.80 -2.62
C HIS C 184 -22.36 19.66 -1.67
N ILE C 185 -21.09 19.27 -1.78
CA ILE C 185 -20.47 18.27 -0.92
C ILE C 185 -19.26 18.91 -0.25
N LEU C 186 -18.81 18.31 0.84
CA LEU C 186 -17.66 18.78 1.61
C LEU C 186 -17.00 17.71 2.42
N GLY C 187 -15.73 17.92 2.71
CA GLY C 187 -14.99 16.98 3.54
C GLY C 187 -13.50 17.18 3.53
N TRP C 188 -12.83 16.41 4.38
CA TRP C 188 -11.38 16.41 4.53
C TRP C 188 -10.75 15.19 3.83
N GLY C 189 -11.48 14.60 2.88
CA GLY C 189 -11.01 13.44 2.14
C GLY C 189 -9.90 13.78 1.16
N LYS C 190 -9.38 12.75 0.45
CA LYS C 190 -8.27 12.93 -0.46
C LYS C 190 -8.64 13.91 -1.59
N THR C 191 -7.69 14.78 -1.95
CA THR C 191 -7.86 15.78 -3.01
C THR C 191 -7.25 15.20 -4.29
N ALA C 192 -7.30 15.95 -5.43
CA ALA C 192 -6.82 15.49 -6.74
C ALA C 192 -5.35 14.98 -6.75
N ASP C 193 -4.47 15.62 -5.96
CA ASP C 193 -3.04 15.28 -5.86
C ASP C 193 -2.76 14.02 -5.01
N GLY C 194 -3.83 13.46 -4.45
CA GLY C 194 -3.80 12.27 -3.61
C GLY C 194 -3.42 12.48 -2.16
N ASP C 195 -3.29 13.74 -1.70
CA ASP C 195 -2.97 14.03 -0.31
C ASP C 195 -4.24 14.36 0.48
N PHE C 196 -4.15 14.31 1.82
CA PHE C 196 -5.26 14.66 2.72
C PHE C 196 -5.06 16.15 3.13
N PRO C 197 -6.06 17.03 2.81
CA PRO C 197 -5.92 18.45 3.12
C PRO C 197 -6.20 18.80 4.57
N ASP C 198 -5.50 19.82 5.09
CA ASP C 198 -5.78 20.28 6.48
C ASP C 198 -7.11 21.03 6.49
N THR C 199 -7.36 21.83 5.47
CA THR C 199 -8.58 22.65 5.37
C THR C 199 -9.67 21.92 4.61
N ILE C 200 -10.86 21.91 5.22
CA ILE C 200 -12.03 21.28 4.60
C ILE C 200 -12.25 21.81 3.15
N GLN C 201 -12.50 20.88 2.20
CA GLN C 201 -12.78 21.21 0.78
C GLN C 201 -14.28 21.20 0.53
N CYS C 202 -14.76 21.94 -0.47
CA CYS C 202 -16.15 22.10 -0.89
C CYS C 202 -16.23 22.00 -2.42
N ALA C 203 -17.40 21.62 -2.96
CA ALA C 203 -17.69 21.63 -4.40
C ALA C 203 -19.16 21.56 -4.66
N TYR C 204 -19.60 22.30 -5.70
CA TYR C 204 -20.97 22.21 -6.19
C TYR C 204 -21.01 21.04 -7.15
N ILE C 205 -22.06 20.22 -7.05
CA ILE C 205 -22.32 19.07 -7.91
C ILE C 205 -23.85 19.00 -8.12
N HIS C 206 -24.30 18.18 -9.05
CA HIS C 206 -25.75 18.08 -9.21
C HIS C 206 -26.25 16.65 -9.13
N LEU C 207 -27.50 16.51 -8.68
CA LEU C 207 -28.19 15.23 -8.62
C LEU C 207 -28.38 14.73 -10.05
N VAL C 208 -28.15 13.46 -10.26
CA VAL C 208 -28.31 12.85 -11.57
C VAL C 208 -29.58 11.95 -11.51
N SER C 209 -30.34 11.81 -12.62
CA SER C 209 -31.58 10.99 -12.65
C SER C 209 -31.32 9.53 -12.23
N ARG C 210 -32.35 8.82 -11.77
CA ARG C 210 -32.20 7.43 -11.39
C ARG C 210 -31.87 6.58 -12.66
N GLU C 211 -32.43 6.97 -13.82
CA GLU C 211 -32.12 6.31 -15.09
C GLU C 211 -30.63 6.42 -15.42
N GLU C 212 -30.04 7.63 -15.30
CA GLU C 212 -28.59 7.83 -15.57
C GLU C 212 -27.74 7.08 -14.52
N CYS C 213 -28.16 7.08 -13.25
CA CYS C 213 -27.46 6.45 -12.13
C CYS C 213 -27.35 4.92 -12.37
N GLU C 214 -28.48 4.30 -12.77
CA GLU C 214 -28.51 2.86 -13.08
C GLU C 214 -27.69 2.52 -14.30
N HIS C 215 -27.61 3.43 -15.26
CA HIS C 215 -26.81 3.26 -16.46
C HIS C 215 -25.29 3.29 -16.14
N ALA C 216 -24.89 4.02 -15.09
CA ALA C 216 -23.49 4.07 -14.68
C ALA C 216 -23.13 2.82 -13.87
N TYR C 217 -24.06 2.30 -13.07
CA TYR C 217 -23.80 1.15 -12.19
C TYR C 217 -24.93 0.11 -12.37
N PRO C 218 -24.92 -0.65 -13.50
CA PRO C 218 -26.02 -1.62 -13.73
C PRO C 218 -26.23 -2.63 -12.60
N GLY C 219 -27.49 -2.72 -12.14
CA GLY C 219 -27.97 -3.61 -11.09
C GLY C 219 -27.48 -3.34 -9.67
N GLN C 220 -26.78 -2.21 -9.46
CA GLN C 220 -26.15 -1.86 -8.17
C GLN C 220 -26.85 -0.73 -7.40
N ILE C 221 -27.77 -0.02 -8.04
CA ILE C 221 -28.44 1.15 -7.43
C ILE C 221 -29.79 0.76 -6.90
N THR C 222 -30.00 0.98 -5.59
CA THR C 222 -31.26 0.68 -4.93
C THR C 222 -31.99 1.99 -4.67
N GLN C 223 -33.23 1.90 -4.19
CA GLN C 223 -34.08 3.04 -3.83
C GLN C 223 -33.52 3.83 -2.59
N ASN C 224 -32.53 3.24 -1.90
CA ASN C 224 -31.89 3.83 -0.71
C ASN C 224 -30.60 4.59 -1.09
N MET C 225 -30.38 4.78 -2.38
CA MET C 225 -29.22 5.47 -2.95
C MET C 225 -29.63 6.58 -3.93
N LEU C 226 -28.80 7.63 -4.02
N LEU C 226 -28.81 7.63 -4.01
CA LEU C 226 -28.99 8.82 -4.87
CA LEU C 226 -28.93 8.73 -4.98
C LEU C 226 -27.62 9.15 -5.52
C LEU C 226 -27.59 8.83 -5.67
N CYS C 227 -27.58 9.42 -6.86
CA CYS C 227 -26.33 9.68 -7.60
C CYS C 227 -26.14 11.19 -7.73
N ALA C 228 -24.90 11.70 -7.59
CA ALA C 228 -24.60 13.13 -7.78
C ALA C 228 -23.18 13.30 -8.31
N GLY C 229 -23.03 14.23 -9.25
CA GLY C 229 -21.74 14.46 -9.89
C GLY C 229 -21.62 15.71 -10.71
N ASP C 230 -20.50 15.82 -11.43
CA ASP C 230 -20.18 17.00 -12.19
C ASP C 230 -19.55 16.58 -13.50
N GLU C 231 -20.30 16.78 -14.59
CA GLU C 231 -19.90 16.45 -15.97
C GLU C 231 -18.65 17.23 -16.43
N LYS C 232 -18.49 18.48 -15.98
CA LYS C 232 -17.44 19.43 -16.40
C LYS C 232 -16.02 19.15 -15.87
N TYR C 233 -15.86 19.02 -14.54
CA TYR C 233 -14.54 18.81 -13.95
C TYR C 233 -14.41 17.47 -13.22
N GLY C 234 -15.52 16.76 -13.06
CA GLY C 234 -15.53 15.50 -12.34
C GLY C 234 -15.41 15.68 -10.84
N LYS C 235 -15.89 16.85 -10.30
CA LYS C 235 -15.91 17.15 -8.86
C LYS C 235 -16.57 15.97 -8.16
N ASP C 236 -15.92 15.38 -7.13
CA ASP C 236 -16.44 14.18 -6.48
C ASP C 236 -15.89 14.01 -5.05
N SER C 237 -16.64 13.27 -4.20
N SER C 237 -16.63 13.23 -4.23
CA SER C 237 -16.17 12.92 -2.87
CA SER C 237 -16.22 12.84 -2.90
C SER C 237 -15.12 11.81 -3.07
C SER C 237 -15.11 11.78 -3.07
N CYS C 238 -14.29 11.58 -2.03
CA CYS C 238 -13.19 10.61 -2.10
C CYS C 238 -12.95 9.96 -0.75
N GLN C 239 -11.96 9.04 -0.66
CA GLN C 239 -11.59 8.37 0.59
C GLN C 239 -11.36 9.43 1.70
N GLY C 240 -12.03 9.28 2.83
CA GLY C 240 -11.93 10.22 3.95
C GLY C 240 -13.19 11.09 4.03
N ASP C 241 -14.01 11.16 2.93
CA ASP C 241 -15.24 11.98 2.90
C ASP C 241 -16.48 11.21 3.32
N SER C 242 -16.39 9.85 3.43
CA SER C 242 -17.55 8.96 3.73
C SER C 242 -18.34 9.49 4.86
N GLY C 243 -19.66 9.42 4.75
CA GLY C 243 -20.51 9.85 5.84
C GLY C 243 -20.77 11.36 5.88
N GLY C 244 -20.03 12.10 5.05
CA GLY C 244 -20.16 13.55 4.88
C GLY C 244 -21.48 13.88 4.19
N PRO C 245 -21.96 15.13 4.34
CA PRO C 245 -23.28 15.50 3.77
C PRO C 245 -23.32 15.87 2.30
N LEU C 246 -24.46 15.57 1.68
CA LEU C 246 -24.77 16.00 0.33
C LEU C 246 -25.90 16.98 0.60
N VAL C 247 -25.61 18.29 0.46
CA VAL C 247 -26.52 19.39 0.83
C VAL C 247 -27.24 19.95 -0.44
N CYS C 248 -28.58 19.87 -0.46
CA CYS C 248 -29.40 20.36 -1.57
C CYS C 248 -30.52 21.20 -1.01
N GLY C 249 -30.61 22.45 -1.48
CA GLY C 249 -31.62 23.41 -1.02
C GLY C 249 -31.64 23.60 0.49
N ASP C 250 -30.44 23.77 1.09
CA ASP C 250 -30.16 23.95 2.54
C ASP C 250 -30.62 22.76 3.42
N HIS C 251 -30.80 21.58 2.82
CA HIS C 251 -31.23 20.40 3.57
C HIS C 251 -30.30 19.23 3.35
N LEU C 252 -30.20 18.31 4.33
CA LEU C 252 -29.40 17.08 4.16
C LEU C 252 -30.15 16.13 3.21
N ARG C 253 -29.60 15.92 2.01
CA ARG C 253 -30.20 15.05 1.00
C ARG C 253 -29.55 13.68 0.94
N GLY C 254 -28.23 13.64 1.17
CA GLY C 254 -27.51 12.40 1.12
C GLY C 254 -26.28 12.35 2.00
N LEU C 255 -25.71 11.14 2.10
CA LEU C 255 -24.45 10.93 2.81
C LEU C 255 -23.48 10.31 1.83
N VAL C 256 -22.18 10.72 1.87
CA VAL C 256 -21.17 10.10 1.00
C VAL C 256 -21.15 8.57 1.32
N SER C 257 -21.35 7.70 0.30
CA SER C 257 -21.40 6.27 0.55
C SER C 257 -20.36 5.52 -0.29
N TRP C 258 -20.43 5.66 -1.61
CA TRP C 258 -19.46 5.01 -2.50
C TRP C 258 -19.39 5.69 -3.84
N GLY C 259 -18.60 5.16 -4.77
CA GLY C 259 -18.50 5.73 -6.08
C GLY C 259 -17.40 5.08 -6.88
N ASP C 260 -16.89 5.82 -7.84
CA ASP C 260 -15.90 5.31 -8.78
C ASP C 260 -14.46 5.36 -8.26
N TYR C 261 -13.63 4.46 -8.78
CA TYR C 261 -12.20 4.42 -8.54
C TYR C 261 -11.51 4.57 -9.91
N PRO C 262 -10.55 5.52 -10.06
CA PRO C 262 -10.14 6.57 -9.10
C PRO C 262 -11.28 7.57 -8.85
N CYS C 263 -11.18 8.40 -7.79
CA CYS C 263 -12.23 9.41 -7.54
C CYS C 263 -12.36 10.37 -8.72
N GLY C 264 -13.58 10.78 -8.95
CA GLY C 264 -13.94 11.63 -10.09
C GLY C 264 -15.28 11.17 -10.61
N SER C 265 -16.18 12.13 -10.89
CA SER C 265 -17.55 11.83 -11.29
C SER C 265 -17.84 12.10 -12.78
N LYS C 266 -16.78 12.28 -13.61
CA LYS C 266 -16.94 12.55 -15.05
C LYS C 266 -17.62 11.39 -15.78
N GLU C 267 -17.25 10.15 -15.47
CA GLU C 267 -17.79 8.92 -16.08
C GLU C 267 -18.95 8.35 -15.28
N ARG C 268 -18.70 8.09 -14.00
CA ARG C 268 -19.66 7.47 -13.09
C ARG C 268 -19.84 8.42 -11.90
N PRO C 269 -21.07 8.80 -11.54
CA PRO C 269 -21.25 9.76 -10.42
C PRO C 269 -20.99 9.12 -9.06
N GLY C 270 -20.88 9.97 -8.03
CA GLY C 270 -20.77 9.47 -6.67
C GLY C 270 -22.14 8.95 -6.24
N VAL C 271 -22.13 7.95 -5.36
CA VAL C 271 -23.34 7.31 -4.82
C VAL C 271 -23.51 7.69 -3.37
N TYR C 272 -24.70 8.16 -3.03
CA TYR C 272 -25.03 8.73 -1.74
C TYR C 272 -26.20 8.04 -1.11
N THR C 273 -26.18 7.86 0.21
CA THR C 273 -27.30 7.26 0.95
C THR C 273 -28.46 8.23 0.82
N ASN C 274 -29.64 7.74 0.46
CA ASN C 274 -30.83 8.56 0.23
C ASN C 274 -31.54 8.83 1.60
N VAL C 275 -31.12 9.92 2.26
CA VAL C 275 -31.50 10.30 3.64
C VAL C 275 -33.02 10.37 3.85
N CYS C 276 -33.80 10.86 2.87
CA CYS C 276 -35.27 10.96 2.98
C CYS C 276 -35.97 9.65 3.35
N ARG C 277 -35.37 8.50 3.01
CA ARG C 277 -35.93 7.19 3.30
C ARG C 277 -35.78 6.78 4.77
N TYR C 278 -34.96 7.49 5.56
CA TYR C 278 -34.65 7.09 6.95
C TYR C 278 -35.22 7.99 8.03
N THR C 279 -36.09 8.91 7.65
CA THR C 279 -36.66 9.88 8.62
C THR C 279 -37.39 9.22 9.77
N ASN C 280 -38.13 8.11 9.51
CA ASN C 280 -38.85 7.45 10.60
C ASN C 280 -37.88 6.72 11.56
N TRP C 281 -36.92 5.97 11.04
CA TRP C 281 -35.91 5.27 11.83
C TRP C 281 -35.10 6.28 12.68
N ILE C 282 -34.68 7.44 12.06
CA ILE C 282 -33.94 8.51 12.76
C ILE C 282 -34.82 9.05 13.90
N GLN C 283 -36.06 9.40 13.60
CA GLN C 283 -36.99 9.99 14.59
C GLN C 283 -37.20 9.06 15.80
N LYS C 284 -37.45 7.78 15.52
CA LYS C 284 -37.69 6.77 16.56
C LYS C 284 -36.46 6.59 17.45
N THR C 285 -35.26 6.54 16.84
CA THR C 285 -34.00 6.34 17.60
C THR C 285 -33.71 7.54 18.51
N ILE C 286 -33.78 8.77 17.96
CA ILE C 286 -33.49 9.97 18.74
C ILE C 286 -34.48 10.15 19.86
N GLN C 287 -35.79 10.00 19.59
CA GLN C 287 -36.83 10.24 20.61
C GLN C 287 -36.88 9.22 21.76
N ALA C 288 -36.47 7.98 21.51
CA ALA C 288 -36.43 6.91 22.52
C ALA C 288 -35.33 7.22 23.54
C10 LH5 D . -6.79 -14.67 -0.14
C13 LH5 D . -8.31 -15.33 1.58
C15 LH5 D . -7.31 -16.09 2.17
C17 LH5 D . -8.83 -17.02 3.84
C20 LH5 D . -9.40 -15.74 4.41
C21 LH5 D . -10.73 -15.39 4.21
C28 LH5 D . -8.61 -14.84 5.11
N01 LH5 D . -4.07 -17.65 1.41
C04 LH5 D . -4.91 -16.92 2.19
N05 LH5 D . -4.68 -16.89 3.48
C07 LH5 D . -6.02 -16.14 1.61
C08 LH5 D . -5.79 -15.41 0.45
C12 LH5 D . -8.07 -14.61 0.42
O16 LH5 D . -7.50 -16.81 3.33
C23 LH5 D . -11.21 -14.18 4.71
C25 LH5 D . -10.34 -13.37 5.40
N27 LH5 D . -9.05 -13.67 5.60
C30 LH5 D . -9.17 -13.79 -0.20
C32 LH5 D . -10.41 -14.59 -0.57
C35 LH5 D . -11.45 -13.72 -1.22
C36 LH5 D . -12.81 -13.99 -1.05
C38 LH5 D . -13.77 -13.23 -1.69
C40 LH5 D . -13.40 -12.18 -2.50
C42 LH5 D . -12.04 -11.89 -2.68
C44 LH5 D . -11.05 -12.66 -2.06
B45 LH5 D . -9.54 -12.35 -2.20
O46 LH5 D . -9.08 -11.27 -2.90
O48 LH5 D . -8.71 -12.84 -1.21
C10 RH5 E . -6.94 -15.00 0.01
C12 RH5 E . -8.28 -15.14 0.33
C13 RH5 E . -8.63 -15.91 1.44
C15 RH5 E . -7.64 -16.49 2.23
C17 RH5 E . -9.25 -17.14 3.94
C20 RH5 E . -9.62 -15.76 4.43
C21 RH5 E . -10.94 -15.37 4.53
C28 RH5 E . -8.67 -14.84 4.81
N01 RH5 E . -4.03 -17.34 2.05
C04 RH5 E . -5.16 -16.92 2.68
N05 RH5 E . -5.23 -17.07 3.97
C07 RH5 E . -6.28 -16.33 1.91
C08 RH5 E . -5.95 -15.57 0.78
O16 RH5 E . -7.93 -17.22 3.36
C23 RH5 E . -11.27 -14.09 4.96
C25 RH5 E . -10.24 -13.26 5.31
N27 RH5 E . -8.94 -13.60 5.24
C30 RH5 E . -9.38 -14.51 -0.52
C32 RH5 E . -10.59 -14.08 0.29
C35 RH5 E . -11.63 -13.45 -0.61
C36 RH5 E . -12.98 -13.51 -0.29
C38 RH5 E . -13.93 -12.93 -1.11
C40 RH5 E . -13.53 -12.26 -2.26
C42 RH5 E . -12.19 -12.18 -2.58
C44 RH5 E . -11.20 -12.76 -1.77
B45 RH5 E . -9.69 -12.64 -2.06
O46 RH5 E . -9.15 -11.54 -2.65
O48 RH5 E . -8.87 -13.33 -1.20
C10 LH5 F . 23.09 9.79 6.19
C13 LH5 F . 22.97 12.09 6.84
C15 LH5 F . 22.23 12.38 5.71
C17 LH5 F . 22.36 14.80 6.03
C20 LH5 F . 22.03 14.86 7.49
C21 LH5 F . 23.01 15.17 8.44
C28 LH5 F . 20.77 14.57 7.97
N01 LH5 F . 21.38 10.90 2.42
C04 LH5 F . 21.10 11.59 3.54
N05 LH5 F . 20.09 12.40 3.55
C07 LH5 F . 21.90 11.37 4.78
C08 LH5 F . 22.35 10.07 5.04
C12 LH5 F . 23.42 10.80 7.08
O16 LH5 F . 21.76 13.64 5.42
C23 LH5 F . 22.69 15.18 9.79
C25 LH5 F . 21.40 14.87 10.16
N27 LH5 F . 20.43 14.57 9.27
C30 LH5 F . 24.22 10.50 8.33
C32 LH5 F . 25.52 11.28 8.44
C35 LH5 F . 26.29 10.87 9.67
C36 LH5 F . 27.23 11.73 10.24
C38 LH5 F . 27.97 11.36 11.36
C40 LH5 F . 27.79 10.11 11.92
C42 LH5 F . 26.86 9.24 11.38
C44 LH5 F . 26.11 9.58 10.23
B45 LH5 F . 25.05 8.64 9.61
O46 LH5 F . 24.54 7.57 10.25
O48 LH5 F . 24.42 9.07 8.47
C10 RH5 G . 22.97 9.92 6.16
C12 RH5 G . 23.72 10.91 6.81
C13 RH5 G . 23.51 12.24 6.45
C15 RH5 G . 22.56 12.58 5.49
C17 RH5 G . 22.75 14.97 5.93
C20 RH5 G . 22.23 14.90 7.35
C21 RH5 G . 23.06 15.09 8.44
C28 RH5 G . 20.90 14.61 7.61
N01 RH5 G . 20.83 11.25 2.61
C04 RH5 G . 20.80 11.88 3.80
N05 RH5 G . 19.84 12.71 4.05
C07 RH5 G . 21.81 11.58 4.84
C08 RH5 G . 22.04 10.25 5.20
O16 RH5 G . 22.31 13.88 5.11
C23 RH5 G . 22.56 14.99 9.72
C25 RH5 G . 21.22 14.70 9.88
N27 RH5 G . 20.38 14.52 8.85
C30 RH5 G . 24.72 10.57 7.87
C32 RH5 G . 24.69 11.50 9.07
C35 RH5 G . 25.68 11.05 10.12
C36 RH5 G . 26.41 11.97 10.90
C38 RH5 G . 27.31 11.51 11.86
C40 RH5 G . 27.49 10.16 12.06
C42 RH5 G . 26.75 9.24 11.32
C44 RH5 G . 25.84 9.67 10.33
B45 RH5 G . 24.98 8.71 9.48
O46 RH5 G . 24.41 7.60 9.98
O48 RH5 G . 24.50 9.18 8.28
C10 RH5 H . -16.07 7.91 -0.84
C12 RH5 H . -15.48 6.66 -0.71
C13 RH5 H . -15.16 5.95 -1.87
C15 RH5 H . -15.41 6.48 -3.12
C17 RH5 H . -14.25 4.66 -4.27
C20 RH5 H . -12.82 4.97 -3.88
C21 RH5 H . -12.26 4.46 -2.71
C28 RH5 H . -12.00 5.72 -4.70
N01 RH5 H . -17.30 9.35 -4.61
C04 RH5 H . -16.33 8.42 -4.55
N05 RH5 H . -15.65 8.16 -5.63
C07 RH5 H . -16.01 7.75 -3.26
C08 RH5 H . -16.33 8.45 -2.08
O16 RH5 H . -15.10 5.83 -4.30
C23 RH5 H . -10.94 4.76 -2.39
C25 RH5 H . -10.22 5.53 -3.27
N27 RH5 H . -10.72 6.01 -4.41
C30 RH5 H . -15.18 6.08 0.66
C32 RH5 H . -14.01 5.12 0.74
C35 RH5 H . -13.88 4.55 2.14
C36 RH5 H . -13.44 3.26 2.38
C38 RH5 H . -13.35 2.77 3.67
C40 RH5 H . -13.68 3.58 4.74
C42 RH5 H . -14.14 4.87 4.51
C44 RH5 H . -14.26 5.40 3.22
B45 RH5 H . -14.66 6.85 2.92
O46 RH5 H . -14.30 7.88 3.71
O48 RH5 H . -14.88 7.16 1.60
C1 GOL I . -7.73 17.46 14.81
O1 GOL I . -7.44 18.84 14.62
C2 GOL I . -6.85 16.84 15.86
O2 GOL I . -5.47 16.94 15.46
C3 GOL I . -7.20 15.39 16.09
O3 GOL I . -6.46 14.86 17.18
C10 LH5 J . -16.07 7.82 -0.68
C13 LH5 J . -14.69 6.21 -1.80
C15 LH5 J . -15.15 6.65 -3.03
C17 LH5 J . -14.07 4.83 -4.22
C20 LH5 J . -12.61 4.98 -3.87
C21 LH5 J . -12.04 4.33 -2.78
C28 LH5 J . -11.76 5.76 -4.63
N01 LH5 J . -17.81 8.95 -4.34
C04 LH5 J . -16.65 8.25 -4.37
N05 LH5 J . -16.08 8.10 -5.52
C07 LH5 J . -16.09 7.70 -3.12
C08 LH5 J . -16.54 8.27 -1.92
C12 LH5 J . -15.14 6.80 -0.61
O16 LH5 J . -14.72 6.11 -4.22
C23 LH5 J . -10.70 4.50 -2.48
C25 LH5 J . -9.94 5.31 -3.30
N27 LH5 J . -10.45 5.94 -4.37
C30 LH5 J . -14.61 6.29 0.71
C32 LH5 J . -15.12 4.92 1.07
C35 LH5 J . -14.57 4.46 2.40
C36 LH5 J . -14.34 3.11 2.65
C38 LH5 J . -13.85 2.69 3.89
C40 LH5 J . -13.62 3.62 4.89
C42 LH5 J . -13.88 4.97 4.66
C44 LH5 J . -14.37 5.42 3.42
B45 LH5 J . -14.61 6.91 3.11
O46 LH5 J . -14.27 7.89 3.98
O48 LH5 J . -14.69 7.28 1.79
#